data_9CJX
#
_entry.id   9CJX
#
_entity_poly.entity_id   1
_entity_poly.type   'polypeptide(L)'
_entity_poly.pdbx_seq_one_letter_code
;MGSSHHHHHHSSGLVPRGSHMMNNWTEEEVQKVVAEIGKKAAADPAFRKLCLANPTGAVKEVSGKDLPQGLKVRFVENEG
AHMTFVLPDPAGSGELGEEDLNRVAGG
;
_entity_poly.pdbx_strand_id   A
#
# COMPACT_ATOMS: atom_id res chain seq x y z
N MET A 22 -10.05 -14.91 -3.25
CA MET A 22 -10.05 -13.64 -2.53
C MET A 22 -8.73 -13.43 -1.79
N ASN A 23 -8.59 -12.28 -1.15
CA ASN A 23 -7.39 -11.97 -0.38
C ASN A 23 -7.58 -12.30 1.09
N ASN A 24 -6.51 -12.12 1.87
CA ASN A 24 -6.57 -12.36 3.31
C ASN A 24 -6.73 -11.05 4.08
N TRP A 25 -6.52 -9.93 3.38
CA TRP A 25 -6.63 -8.62 4.00
C TRP A 25 -8.06 -8.11 3.98
N THR A 26 -8.57 -7.74 5.13
CA THR A 26 -9.95 -7.25 5.25
C THR A 26 -10.01 -5.73 5.05
N GLU A 27 -11.21 -5.22 4.81
CA GLU A 27 -11.41 -3.80 4.58
C GLU A 27 -10.99 -2.99 5.80
N GLU A 28 -11.36 -3.47 6.98
CA GLU A 28 -10.98 -2.83 8.23
C GLU A 28 -9.47 -2.69 8.33
N GLU A 29 -8.76 -3.78 8.08
CA GLU A 29 -7.30 -3.78 8.17
C GLU A 29 -6.69 -2.77 7.19
N VAL A 30 -7.18 -2.80 5.95
CA VAL A 30 -6.67 -1.90 4.92
C VAL A 30 -6.78 -0.44 5.35
N GLN A 31 -7.97 -0.07 5.84
CA GLN A 31 -8.22 1.30 6.27
C GLN A 31 -7.28 1.71 7.38
N LYS A 32 -7.04 0.81 8.32
CA LYS A 32 -6.14 1.06 9.43
C LYS A 32 -4.70 1.24 8.95
N VAL A 33 -4.28 0.39 8.03
CA VAL A 33 -2.93 0.46 7.48
C VAL A 33 -2.70 1.77 6.75
N VAL A 34 -3.66 2.15 5.91
CA VAL A 34 -3.58 3.40 5.17
C VAL A 34 -3.41 4.59 6.11
N ALA A 35 -4.19 4.60 7.18
CA ALA A 35 -4.10 5.65 8.19
C ALA A 35 -2.71 5.70 8.80
N GLU A 36 -2.16 4.53 9.13
CA GLU A 36 -0.85 4.44 9.75
C GLU A 36 0.26 4.83 8.77
N ILE A 37 0.05 4.51 7.50
CA ILE A 37 0.96 4.95 6.45
C ILE A 37 1.03 6.47 6.39
N GLY A 38 -0.12 7.11 6.47
CA GLY A 38 -0.19 8.57 6.52
C GLY A 38 0.60 9.11 7.72
N LYS A 39 0.40 8.47 8.88
CA LYS A 39 1.10 8.88 10.10
C LYS A 39 2.61 8.78 9.92
N LYS A 40 3.06 7.65 9.40
CA LYS A 40 4.49 7.35 9.32
C LYS A 40 5.15 8.15 8.21
N ALA A 41 4.43 8.31 7.10
CA ALA A 41 4.94 9.09 5.97
C ALA A 41 5.09 10.56 6.34
N ALA A 42 4.13 11.07 7.11
CA ALA A 42 4.20 12.44 7.61
C ALA A 42 5.33 12.61 8.61
N ALA A 43 5.47 11.63 9.51
CA ALA A 43 6.49 11.69 10.54
C ALA A 43 7.88 11.52 9.94
N ASP A 44 7.99 10.63 8.95
CA ASP A 44 9.28 10.31 8.36
C ASP A 44 9.20 10.24 6.84
N PRO A 45 9.76 11.25 6.18
CA PRO A 45 9.76 11.30 4.72
C PRO A 45 10.35 10.03 4.12
N ALA A 46 11.26 9.41 4.86
CA ALA A 46 11.92 8.19 4.40
C ALA A 46 10.91 7.06 4.22
N PHE A 47 9.87 7.07 5.06
CA PHE A 47 8.79 6.08 4.96
C PHE A 47 7.97 6.30 3.69
N ARG A 48 7.71 7.56 3.38
CA ARG A 48 7.09 7.92 2.10
C ARG A 48 7.91 7.38 0.93
N LYS A 49 9.22 7.53 1.02
CA LYS A 49 10.12 7.01 0.00
C LYS A 49 10.06 5.48 -0.04
N LEU A 50 9.96 4.86 1.13
CA LEU A 50 9.77 3.41 1.22
C LEU A 50 8.52 2.97 0.48
N CYS A 51 7.42 3.69 0.70
CA CYS A 51 6.16 3.38 0.03
C CYS A 51 6.32 3.46 -1.48
N LEU A 52 7.09 4.44 -1.95
CA LEU A 52 7.34 4.60 -3.37
C LEU A 52 8.25 3.49 -3.90
N ALA A 53 9.26 3.14 -3.12
CA ALA A 53 10.20 2.10 -3.51
C ALA A 53 9.55 0.73 -3.52
N ASN A 54 8.71 0.46 -2.52
CA ASN A 54 7.99 -0.79 -2.43
C ASN A 54 6.72 -0.66 -1.60
N PRO A 55 5.60 -0.42 -2.29
CA PRO A 55 4.33 -0.17 -1.61
C PRO A 55 3.99 -1.31 -0.65
N THR A 56 4.16 -2.54 -1.11
CA THR A 56 3.76 -3.71 -0.35
C THR A 56 4.68 -3.94 0.84
N GLY A 57 5.92 -3.51 0.71
CA GLY A 57 6.86 -3.56 1.83
C GLY A 57 6.45 -2.60 2.94
N ALA A 58 5.99 -1.42 2.55
CA ALA A 58 5.51 -0.43 3.52
C ALA A 58 4.29 -0.95 4.26
N VAL A 59 3.40 -1.62 3.53
CA VAL A 59 2.21 -2.23 4.13
C VAL A 59 2.59 -3.29 5.15
N LYS A 60 3.56 -4.13 4.79
CA LYS A 60 4.06 -5.16 5.69
C LYS A 60 4.69 -4.54 6.94
N GLU A 61 5.41 -3.44 6.75
CA GLU A 61 5.99 -2.71 7.87
C GLU A 61 4.94 -2.30 8.88
N VAL A 62 3.77 -1.90 8.38
CA VAL A 62 2.67 -1.48 9.24
C VAL A 62 1.92 -2.69 9.81
N SER A 63 1.49 -3.57 8.91
CA SER A 63 0.59 -4.65 9.28
C SER A 63 1.34 -5.84 9.87
N GLY A 64 2.51 -6.12 9.31
CA GLY A 64 3.31 -7.26 9.74
C GLY A 64 2.89 -8.52 8.99
N LYS A 65 2.08 -8.35 7.94
CA LYS A 65 1.58 -9.48 7.16
C LYS A 65 2.11 -9.44 5.74
N ASP A 66 2.14 -10.61 5.09
CA ASP A 66 2.64 -10.72 3.73
C ASP A 66 1.53 -10.54 2.71
N LEU A 67 1.90 -10.16 1.49
CA LEU A 67 0.92 -9.93 0.43
C LEU A 67 0.28 -11.24 -0.01
N PRO A 68 -1.04 -11.32 0.16
CA PRO A 68 -1.81 -12.46 -0.34
C PRO A 68 -1.53 -12.70 -1.83
N GLN A 69 -1.29 -13.96 -2.18
CA GLN A 69 -0.92 -14.31 -3.54
C GLN A 69 -2.03 -13.95 -4.53
N GLY A 70 -1.73 -13.05 -5.45
CA GLY A 70 -2.67 -12.71 -6.51
C GLY A 70 -3.27 -11.32 -6.28
N LEU A 71 -3.01 -10.75 -5.11
CA LEU A 71 -3.55 -9.45 -4.75
C LEU A 71 -2.67 -8.32 -5.30
N LYS A 72 -3.25 -7.53 -6.19
CA LYS A 72 -2.55 -6.38 -6.77
C LYS A 72 -2.65 -5.16 -5.87
N VAL A 73 -1.53 -4.49 -5.66
CA VAL A 73 -1.47 -3.34 -4.76
C VAL A 73 -0.92 -2.11 -5.47
N ARG A 74 -1.52 -0.95 -5.20
CA ARG A 74 -1.07 0.31 -5.79
C ARG A 74 -0.93 1.40 -4.74
N PHE A 75 -0.51 2.57 -5.18
CA PHE A 75 -0.31 3.70 -4.26
C PHE A 75 -0.70 5.02 -4.91
N VAL A 76 -1.03 6.01 -4.09
CA VAL A 76 -1.41 7.32 -4.59
C VAL A 76 -0.71 8.43 -3.80
N GLU A 77 -0.62 9.61 -4.40
CA GLU A 77 -0.07 10.78 -3.72
C GLU A 77 -1.11 11.87 -3.56
N ASN A 78 -1.28 12.35 -2.34
CA ASN A 78 -2.21 13.43 -2.06
C ASN A 78 -1.51 14.77 -2.02
N GLU A 79 -2.10 15.76 -2.66
CA GLU A 79 -1.50 17.10 -2.74
C GLU A 79 -2.38 18.13 -2.06
N GLY A 80 -1.75 19.18 -1.54
CA GLY A 80 -0.32 19.38 -1.71
C GLY A 80 0.44 18.91 -0.48
N ALA A 81 -0.09 17.90 0.21
CA ALA A 81 0.61 17.26 1.32
C ALA A 81 1.81 16.46 0.82
N HIS A 82 1.71 15.95 -0.39
CA HIS A 82 2.77 15.13 -0.97
C HIS A 82 3.03 13.89 -0.11
N MET A 83 1.96 13.20 0.27
CA MET A 83 2.08 11.98 1.06
C MET A 83 1.65 10.76 0.26
N THR A 84 2.44 9.69 0.36
CA THR A 84 2.18 8.48 -0.41
C THR A 84 1.38 7.47 0.41
N PHE A 85 0.23 7.06 -0.13
CA PHE A 85 -0.61 6.09 0.54
C PHE A 85 -0.72 4.81 -0.28
N VAL A 86 -0.67 3.67 0.40
CA VAL A 86 -0.69 2.37 -0.28
C VAL A 86 -1.93 1.57 0.12
N LEU A 87 -2.58 0.99 -0.88
CA LEU A 87 -3.78 0.17 -0.64
C LEU A 87 -3.94 -0.89 -1.72
N PRO A 88 -4.45 -2.05 -1.33
CA PRO A 88 -4.67 -3.15 -2.26
C PRO A 88 -5.91 -2.90 -3.12
N ASP A 89 -5.91 -3.47 -4.33
CA ASP A 89 -7.08 -3.41 -5.20
C ASP A 89 -8.19 -4.33 -4.69
N PRO A 90 -9.43 -3.93 -4.93
CA PRO A 90 -10.58 -4.73 -4.53
C PRO A 90 -10.49 -6.15 -5.07
N ALA A 91 -10.48 -7.12 -4.16
CA ALA A 91 -10.42 -8.52 -4.54
C ALA A 91 -11.69 -8.95 -5.24
N GLY A 92 -11.55 -9.67 -6.36
CA GLY A 92 -12.70 -10.12 -7.12
C GLY A 92 -13.05 -9.14 -8.23
N SER A 93 -12.30 -8.05 -8.30
CA SER A 93 -12.50 -7.05 -9.35
C SER A 93 -11.96 -7.53 -10.68
N GLY A 94 -12.27 -6.77 -11.74
CA GLY A 94 -11.84 -7.15 -13.09
C GLY A 94 -10.40 -6.74 -13.35
N GLU A 95 -9.84 -5.97 -12.42
CA GLU A 95 -8.44 -5.55 -12.53
C GLU A 95 -7.51 -6.76 -12.62
N LEU A 96 -6.69 -6.77 -13.66
CA LEU A 96 -5.76 -7.89 -13.88
C LEU A 96 -4.54 -7.76 -13.00
N GLY A 97 -3.97 -8.90 -12.62
CA GLY A 97 -2.79 -8.92 -11.76
C GLY A 97 -1.51 -9.01 -12.58
N GLU A 98 -1.64 -8.80 -13.89
CA GLU A 98 -0.48 -8.79 -14.79
C GLU A 98 0.53 -7.74 -14.37
N GLU A 99 1.79 -8.13 -14.31
CA GLU A 99 2.86 -7.21 -13.91
C GLU A 99 2.87 -5.97 -14.78
N ASP A 100 2.80 -4.80 -14.15
CA ASP A 100 2.85 -3.54 -14.85
C ASP A 100 4.28 -3.06 -15.04
N LEU A 101 4.47 -2.13 -15.96
CA LEU A 101 5.81 -1.58 -16.23
C LEU A 101 6.34 -0.81 -15.03
N ASN A 102 5.43 -0.27 -14.23
CA ASN A 102 5.81 0.49 -13.04
C ASN A 102 5.68 -0.35 -11.78
N ARG A 103 5.55 -1.67 -11.96
CA ARG A 103 5.42 -2.58 -10.84
C ARG A 103 6.77 -2.87 -10.20
N VAL A 104 6.83 -2.80 -8.88
CA VAL A 104 8.06 -3.04 -8.14
C VAL A 104 8.46 -4.51 -8.18
N ALA A 105 9.64 -4.78 -8.69
CA ALA A 105 10.13 -6.15 -8.80
C ALA A 105 10.32 -6.78 -7.42
N GLY A 106 9.95 -8.05 -7.31
CA GLY A 106 10.06 -8.76 -6.03
C GLY A 106 8.68 -9.00 -5.42
N GLY A 107 7.72 -8.16 -5.77
CA GLY A 107 6.36 -8.30 -5.27
C GLY A 107 6.12 -7.40 -4.07
N MET A 22 -5.50 -14.00 -4.91
CA MET A 22 -5.12 -12.70 -4.35
C MET A 22 -5.38 -12.65 -2.85
N ASN A 23 -4.67 -11.76 -2.16
CA ASN A 23 -4.83 -11.59 -0.72
C ASN A 23 -6.05 -10.73 -0.40
N ASN A 24 -6.71 -11.04 0.71
CA ASN A 24 -7.92 -10.34 1.11
C ASN A 24 -7.62 -9.21 2.07
N TRP A 25 -8.62 -8.40 2.36
CA TRP A 25 -8.46 -7.27 3.28
C TRP A 25 -9.74 -7.00 4.06
N THR A 26 -9.62 -6.32 5.18
CA THR A 26 -10.78 -6.00 6.02
C THR A 26 -10.91 -4.49 6.20
N GLU A 27 -12.11 -4.06 6.59
CA GLU A 27 -12.38 -2.64 6.80
C GLU A 27 -11.58 -2.10 7.98
N GLU A 28 -11.38 -2.94 8.99
CA GLU A 28 -10.52 -2.60 10.12
C GLU A 28 -9.13 -2.19 9.64
N GLU A 29 -8.57 -2.95 8.71
CA GLU A 29 -7.27 -2.64 8.13
C GLU A 29 -7.32 -1.33 7.34
N VAL A 30 -8.41 -1.13 6.62
CA VAL A 30 -8.63 0.11 5.88
C VAL A 30 -8.64 1.31 6.82
N GLN A 31 -9.22 1.14 7.99
CA GLN A 31 -9.30 2.21 8.98
C GLN A 31 -7.98 2.38 9.71
N LYS A 32 -7.29 1.26 9.94
CA LYS A 32 -6.06 1.27 10.73
C LYS A 32 -4.82 1.32 9.84
N VAL A 33 -4.60 0.24 9.10
CA VAL A 33 -3.35 0.06 8.38
C VAL A 33 -3.12 1.18 7.38
N VAL A 34 -4.14 1.47 6.57
CA VAL A 34 -4.04 2.52 5.56
C VAL A 34 -3.70 3.86 6.18
N ALA A 35 -4.38 4.18 7.28
CA ALA A 35 -4.14 5.43 7.99
C ALA A 35 -2.72 5.50 8.52
N GLU A 36 -2.23 4.39 9.06
CA GLU A 36 -0.91 4.34 9.66
C GLU A 36 0.18 4.52 8.61
N ILE A 37 -0.07 4.00 7.42
CA ILE A 37 0.84 4.19 6.30
C ILE A 37 1.02 5.67 5.97
N GLY A 38 -0.10 6.39 5.88
CA GLY A 38 -0.06 7.82 5.63
C GLY A 38 0.57 8.58 6.78
N LYS A 39 0.23 8.18 8.00
CA LYS A 39 0.76 8.82 9.20
C LYS A 39 2.28 8.68 9.28
N LYS A 40 2.77 7.48 9.00
CA LYS A 40 4.21 7.22 9.02
C LYS A 40 4.92 7.94 7.89
N ALA A 41 4.26 8.03 6.74
CA ALA A 41 4.80 8.76 5.60
C ALA A 41 4.98 10.24 5.93
N ALA A 42 4.01 10.81 6.62
CA ALA A 42 4.08 12.20 7.06
C ALA A 42 5.12 12.37 8.16
N ALA A 43 5.12 11.44 9.11
CA ALA A 43 6.03 11.51 10.25
C ALA A 43 7.48 11.34 9.82
N ASP A 44 7.70 10.43 8.86
CA ASP A 44 9.05 10.12 8.41
C ASP A 44 9.13 10.11 6.89
N PRO A 45 9.74 11.14 6.32
CA PRO A 45 9.89 11.24 4.87
C PRO A 45 10.54 9.98 4.29
N ALA A 46 11.43 9.38 5.07
CA ALA A 46 12.13 8.17 4.64
C ALA A 46 11.15 7.02 4.41
N PHE A 47 10.21 6.86 5.33
CA PHE A 47 9.15 5.88 5.18
C PHE A 47 8.35 6.12 3.89
N ARG A 48 7.99 7.37 3.66
CA ARG A 48 7.27 7.75 2.45
C ARG A 48 8.04 7.35 1.19
N LYS A 49 9.34 7.61 1.20
CA LYS A 49 10.20 7.25 0.08
C LYS A 49 10.27 5.74 -0.09
N LEU A 50 10.37 5.03 1.03
CA LEU A 50 10.39 3.57 1.02
C LEU A 50 9.06 3.01 0.50
N CYS A 51 7.97 3.68 0.85
CA CYS A 51 6.65 3.28 0.38
C CYS A 51 6.51 3.48 -1.12
N LEU A 52 6.99 4.63 -1.60
CA LEU A 52 6.99 4.92 -3.03
C LEU A 52 7.73 3.85 -3.81
N ALA A 53 8.95 3.54 -3.37
CA ALA A 53 9.77 2.53 -4.03
C ALA A 53 9.19 1.13 -3.82
N ASN A 54 8.71 0.88 -2.61
CA ASN A 54 8.23 -0.46 -2.23
C ASN A 54 6.96 -0.37 -1.40
N PRO A 55 5.83 -0.15 -2.06
CA PRO A 55 4.55 -0.05 -1.36
C PRO A 55 4.30 -1.28 -0.49
N THR A 56 4.69 -2.45 -0.98
CA THR A 56 4.50 -3.69 -0.25
C THR A 56 5.28 -3.68 1.06
N GLY A 57 6.50 -3.15 1.01
CA GLY A 57 7.35 -3.08 2.19
C GLY A 57 6.72 -2.19 3.26
N ALA A 58 6.14 -1.07 2.83
CA ALA A 58 5.45 -0.17 3.75
C ALA A 58 4.28 -0.86 4.42
N VAL A 59 3.53 -1.64 3.65
CA VAL A 59 2.41 -2.41 4.18
C VAL A 59 2.91 -3.51 5.12
N LYS A 60 4.03 -4.13 4.75
CA LYS A 60 4.67 -5.13 5.60
C LYS A 60 5.15 -4.51 6.90
N GLU A 61 5.57 -3.27 6.83
CA GLU A 61 6.04 -2.55 8.03
C GLU A 61 4.89 -2.27 8.98
N VAL A 62 3.74 -1.91 8.43
CA VAL A 62 2.57 -1.54 9.24
C VAL A 62 1.78 -2.78 9.65
N SER A 63 1.36 -3.56 8.66
CA SER A 63 0.45 -4.67 8.90
C SER A 63 1.22 -5.98 9.03
N GLY A 64 2.29 -6.12 8.26
CA GLY A 64 3.08 -7.34 8.26
C GLY A 64 2.60 -8.30 7.16
N LYS A 65 1.68 -7.82 6.33
CA LYS A 65 1.13 -8.64 5.26
C LYS A 65 1.68 -8.21 3.90
N ASP A 66 1.65 -9.13 2.94
CA ASP A 66 2.08 -8.83 1.58
C ASP A 66 0.88 -8.46 0.70
N LEU A 67 1.15 -7.70 -0.36
CA LEU A 67 0.10 -7.26 -1.26
C LEU A 67 -0.10 -8.25 -2.40
N PRO A 68 -1.32 -8.32 -2.91
CA PRO A 68 -1.65 -9.24 -4.00
C PRO A 68 -0.77 -8.97 -5.21
N GLN A 69 -0.15 -10.03 -5.75
CA GLN A 69 0.73 -9.90 -6.90
C GLN A 69 -0.07 -9.69 -8.18
N GLY A 70 0.26 -8.62 -8.90
CA GLY A 70 -0.39 -8.32 -10.17
C GLY A 70 -1.60 -7.42 -9.96
N LEU A 71 -1.78 -6.94 -8.74
CA LEU A 71 -2.89 -6.05 -8.41
C LEU A 71 -2.43 -4.60 -8.30
N LYS A 72 -3.22 -3.68 -8.83
CA LYS A 72 -2.85 -2.27 -8.83
C LYS A 72 -2.61 -1.77 -7.40
N VAL A 73 -1.47 -1.12 -7.20
CA VAL A 73 -1.17 -0.48 -5.93
C VAL A 73 -0.85 1.00 -6.12
N ARG A 74 -1.65 1.86 -5.49
CA ARG A 74 -1.50 3.30 -5.65
C ARG A 74 -1.65 4.01 -4.31
N PHE A 75 -1.53 5.33 -4.33
CA PHE A 75 -1.76 6.15 -3.14
C PHE A 75 -2.19 7.56 -3.52
N VAL A 76 -2.87 8.22 -2.60
CA VAL A 76 -3.33 9.59 -2.82
C VAL A 76 -2.86 10.51 -1.70
N GLU A 77 -2.27 11.64 -2.07
CA GLU A 77 -1.74 12.58 -1.09
C GLU A 77 -1.90 14.03 -1.57
N ASN A 78 -2.29 14.90 -0.65
CA ASN A 78 -2.40 16.33 -0.95
C ASN A 78 -2.13 17.17 0.29
N GLU A 79 -2.14 18.49 0.11
CA GLU A 79 -1.80 19.41 1.19
C GLU A 79 -2.79 19.29 2.35
N GLY A 80 -2.28 19.03 3.54
CA GLY A 80 -3.11 19.00 4.74
C GLY A 80 -3.73 17.62 4.93
N ALA A 81 -3.26 16.64 4.17
CA ALA A 81 -3.79 15.28 4.24
C ALA A 81 -2.66 14.26 4.32
N HIS A 82 -2.96 13.10 4.90
CA HIS A 82 -2.01 12.00 4.95
C HIS A 82 -2.06 11.18 3.67
N MET A 83 -0.94 10.54 3.33
CA MET A 83 -0.86 9.71 2.14
C MET A 83 -1.72 8.46 2.28
N THR A 84 -2.83 8.43 1.55
CA THR A 84 -3.79 7.33 1.66
C THR A 84 -3.40 6.17 0.76
N PHE A 85 -3.18 5.01 1.37
CA PHE A 85 -2.91 3.80 0.61
C PHE A 85 -4.15 3.31 -0.13
N VAL A 86 -4.01 3.09 -1.42
CA VAL A 86 -5.13 2.67 -2.26
C VAL A 86 -4.88 1.30 -2.87
N LEU A 87 -5.83 0.39 -2.69
CA LEU A 87 -5.71 -0.97 -3.20
C LEU A 87 -7.01 -1.45 -3.82
N PRO A 88 -7.20 -1.18 -5.09
CA PRO A 88 -8.38 -1.61 -5.81
C PRO A 88 -8.51 -3.13 -5.80
N ASP A 89 -9.74 -3.62 -5.78
CA ASP A 89 -10.00 -5.05 -5.84
C ASP A 89 -9.73 -5.62 -7.23
N PRO A 90 -9.29 -6.87 -7.27
CA PRO A 90 -9.00 -7.53 -8.55
C PRO A 90 -10.29 -7.87 -9.29
N ALA A 91 -10.21 -7.92 -10.61
CA ALA A 91 -11.35 -8.30 -11.44
C ALA A 91 -11.69 -9.76 -11.26
N GLY A 92 -10.66 -10.60 -11.15
CA GLY A 92 -10.85 -12.03 -10.97
C GLY A 92 -10.02 -12.54 -9.79
N SER A 93 -9.77 -13.85 -9.78
CA SER A 93 -8.97 -14.46 -8.72
C SER A 93 -7.47 -14.32 -9.01
N GLY A 94 -7.15 -14.00 -10.25
CA GLY A 94 -5.77 -13.81 -10.65
C GLY A 94 -5.38 -12.33 -10.62
N GLU A 95 -4.41 -11.96 -11.46
CA GLU A 95 -3.95 -10.59 -11.53
C GLU A 95 -5.00 -9.66 -12.12
N LEU A 96 -4.87 -8.37 -11.85
CA LEU A 96 -5.80 -7.38 -12.36
C LEU A 96 -5.58 -7.14 -13.85
N GLY A 97 -4.32 -6.96 -14.23
CA GLY A 97 -3.96 -6.72 -15.62
C GLY A 97 -2.45 -6.77 -15.82
N GLU A 98 -2.00 -6.33 -17.00
CA GLU A 98 -0.58 -6.37 -17.33
C GLU A 98 0.14 -5.14 -16.80
N GLU A 99 -0.60 -4.03 -16.67
CA GLU A 99 -0.02 -2.77 -16.23
C GLU A 99 0.77 -2.94 -14.94
N ASP A 100 0.13 -3.56 -13.94
CA ASP A 100 0.73 -3.72 -12.63
C ASP A 100 1.09 -5.18 -12.36
N LEU A 101 1.33 -5.94 -13.43
CA LEU A 101 1.62 -7.36 -13.31
C LEU A 101 2.88 -7.60 -12.50
N ASN A 102 3.93 -6.86 -12.83
CA ASN A 102 5.23 -7.05 -12.19
C ASN A 102 5.22 -6.55 -10.75
N ARG A 103 5.95 -7.25 -9.88
CA ARG A 103 6.02 -6.87 -8.47
C ARG A 103 6.83 -5.59 -8.30
N VAL A 104 6.54 -4.86 -7.23
CA VAL A 104 7.23 -3.61 -6.95
C VAL A 104 8.66 -3.85 -6.52
N ALA A 105 9.49 -2.81 -6.61
CA ALA A 105 10.91 -2.93 -6.34
C ALA A 105 11.17 -3.35 -4.90
N GLY A 106 11.74 -4.54 -4.73
CA GLY A 106 12.11 -5.02 -3.40
C GLY A 106 10.91 -5.61 -2.68
N GLY A 107 9.82 -5.82 -3.42
CA GLY A 107 8.59 -6.35 -2.84
C GLY A 107 8.30 -7.75 -3.36
N MET A 22 -2.83 -9.87 1.21
CA MET A 22 -3.05 -8.45 0.97
C MET A 22 -4.19 -8.22 -0.01
N ASN A 23 -4.15 -8.94 -1.13
CA ASN A 23 -5.08 -8.71 -2.22
C ASN A 23 -6.47 -9.25 -1.90
N ASN A 24 -6.55 -10.07 -0.85
CA ASN A 24 -7.83 -10.60 -0.40
C ASN A 24 -8.36 -9.81 0.79
N TRP A 25 -7.66 -8.74 1.15
CA TRP A 25 -8.08 -7.89 2.27
C TRP A 25 -8.95 -6.75 1.78
N THR A 26 -9.93 -6.37 2.59
CA THR A 26 -10.81 -5.25 2.27
C THR A 26 -10.21 -3.93 2.74
N GLU A 27 -10.83 -2.83 2.35
CA GLU A 27 -10.39 -1.50 2.77
C GLU A 27 -10.43 -1.35 4.28
N GLU A 28 -11.39 -2.03 4.91
CA GLU A 28 -11.48 -2.05 6.37
C GLU A 28 -10.33 -2.81 7.00
N GLU A 29 -9.92 -3.90 6.34
CA GLU A 29 -8.85 -4.74 6.85
C GLU A 29 -7.52 -3.98 6.85
N VAL A 30 -7.36 -3.09 5.89
CA VAL A 30 -6.15 -2.28 5.78
C VAL A 30 -6.42 -0.83 6.17
N GLN A 31 -7.51 -0.61 6.91
CA GLN A 31 -7.88 0.73 7.34
C GLN A 31 -6.88 1.29 8.34
N LYS A 32 -6.43 0.45 9.27
CA LYS A 32 -5.41 0.83 10.23
C LYS A 32 -4.04 0.94 9.57
N VAL A 33 -3.85 0.16 8.51
CA VAL A 33 -2.57 0.16 7.79
C VAL A 33 -2.34 1.48 7.07
N VAL A 34 -3.33 1.92 6.31
CA VAL A 34 -3.23 3.16 5.54
C VAL A 34 -3.21 4.37 6.47
N ALA A 35 -3.83 4.24 7.63
CA ALA A 35 -3.81 5.29 8.63
C ALA A 35 -2.41 5.50 9.19
N GLU A 36 -1.75 4.41 9.55
CA GLU A 36 -0.42 4.48 10.16
C GLU A 36 0.62 4.90 9.14
N ILE A 37 0.43 4.47 7.90
CA ILE A 37 1.31 4.90 6.80
C ILE A 37 1.24 6.40 6.59
N GLY A 38 0.02 6.95 6.62
CA GLY A 38 -0.17 8.39 6.56
C GLY A 38 0.58 9.10 7.68
N LYS A 39 0.50 8.55 8.88
CA LYS A 39 1.22 9.10 10.02
C LYS A 39 2.72 9.09 9.78
N LYS A 40 3.23 7.98 9.26
CA LYS A 40 4.67 7.82 9.03
C LYS A 40 5.15 8.76 7.93
N ALA A 41 4.38 8.84 6.85
CA ALA A 41 4.72 9.70 5.73
C ALA A 41 4.79 11.16 6.14
N ALA A 42 3.85 11.58 6.97
CA ALA A 42 3.85 12.93 7.52
C ALA A 42 5.01 13.13 8.50
N ALA A 43 5.27 12.11 9.30
CA ALA A 43 6.33 12.18 10.30
C ALA A 43 7.70 12.31 9.65
N ASP A 44 7.89 11.61 8.54
CA ASP A 44 9.18 11.59 7.86
C ASP A 44 9.03 11.18 6.40
N PRO A 45 9.35 12.10 5.49
CA PRO A 45 9.25 11.83 4.06
C PRO A 45 10.01 10.57 3.69
N ALA A 46 11.04 10.24 4.47
CA ALA A 46 11.82 9.04 4.23
C ALA A 46 10.95 7.79 4.24
N PHE A 47 9.97 7.77 5.13
CA PHE A 47 9.03 6.66 5.21
C PHE A 47 8.13 6.62 3.98
N ARG A 48 7.73 7.80 3.50
CA ARG A 48 6.97 7.91 2.27
C ARG A 48 7.77 7.36 1.08
N LYS A 49 9.06 7.68 1.05
CA LYS A 49 9.94 7.20 -0.01
C LYS A 49 10.08 5.68 0.03
N LEU A 50 10.19 5.14 1.25
CA LEU A 50 10.27 3.70 1.43
C LEU A 50 8.98 3.00 0.99
N CYS A 51 7.86 3.63 1.27
CA CYS A 51 6.57 3.11 0.84
C CYS A 51 6.45 3.13 -0.68
N LEU A 52 6.99 4.17 -1.30
CA LEU A 52 7.05 4.25 -2.76
C LEU A 52 7.95 3.17 -3.33
N ALA A 53 9.11 2.97 -2.71
CA ALA A 53 10.08 2.00 -3.18
C ALA A 53 9.48 0.60 -3.23
N ASN A 54 8.81 0.21 -2.15
CA ASN A 54 8.16 -1.09 -2.08
C ASN A 54 6.85 -1.00 -1.32
N PRO A 55 5.77 -0.67 -2.02
CA PRO A 55 4.47 -0.52 -1.40
C PRO A 55 4.05 -1.80 -0.69
N THR A 56 4.39 -2.95 -1.29
CA THR A 56 3.97 -4.24 -0.75
C THR A 56 4.61 -4.50 0.61
N GLY A 57 5.90 -4.24 0.71
CA GLY A 57 6.62 -4.44 1.97
C GLY A 57 6.13 -3.46 3.03
N ALA A 58 5.77 -2.26 2.61
CA ALA A 58 5.24 -1.25 3.52
C ALA A 58 4.00 -1.76 4.24
N VAL A 59 3.09 -2.36 3.49
CA VAL A 59 1.87 -2.92 4.06
C VAL A 59 2.19 -4.01 5.08
N LYS A 60 3.12 -4.90 4.73
CA LYS A 60 3.55 -5.96 5.63
C LYS A 60 4.05 -5.40 6.96
N GLU A 61 5.00 -4.47 6.88
CA GLU A 61 5.67 -3.96 8.07
C GLU A 61 4.70 -3.20 8.97
N VAL A 62 3.84 -2.40 8.36
CA VAL A 62 2.89 -1.58 9.11
C VAL A 62 1.81 -2.45 9.75
N SER A 63 1.31 -3.42 9.00
CA SER A 63 0.30 -4.33 9.51
C SER A 63 0.84 -5.20 10.63
N GLY A 64 2.14 -5.50 10.56
CA GLY A 64 2.79 -6.30 11.59
C GLY A 64 2.58 -7.79 11.35
N LYS A 65 2.02 -8.12 10.20
CA LYS A 65 1.73 -9.51 9.86
C LYS A 65 2.71 -10.06 8.83
N ASP A 66 2.98 -11.35 8.89
CA ASP A 66 3.87 -12.00 7.93
C ASP A 66 3.16 -12.23 6.60
N LEU A 67 3.08 -11.17 5.79
CA LEU A 67 2.30 -11.21 4.57
C LEU A 67 3.19 -11.47 3.36
N PRO A 68 2.68 -12.24 2.40
CA PRO A 68 3.45 -12.59 1.21
C PRO A 68 3.90 -11.33 0.46
N GLN A 69 5.09 -11.40 -0.13
CA GLN A 69 5.60 -10.30 -0.94
C GLN A 69 5.44 -10.59 -2.43
N GLY A 70 5.56 -9.55 -3.24
CA GLY A 70 5.38 -9.68 -4.68
C GLY A 70 3.93 -9.48 -5.09
N LEU A 71 3.11 -9.04 -4.13
CA LEU A 71 1.70 -8.82 -4.39
C LEU A 71 1.44 -7.41 -4.92
N LYS A 72 0.47 -7.28 -5.81
CA LYS A 72 0.14 -6.00 -6.40
C LYS A 72 -0.45 -5.04 -5.37
N VAL A 73 0.35 -4.07 -4.94
CA VAL A 73 -0.08 -3.10 -3.94
C VAL A 73 0.10 -1.68 -4.44
N ARG A 74 -0.92 -0.86 -4.25
CA ARG A 74 -0.97 0.46 -4.88
C ARG A 74 -0.45 1.54 -3.95
N PHE A 75 0.54 2.29 -4.41
CA PHE A 75 0.99 3.48 -3.70
C PHE A 75 0.19 4.71 -4.10
N VAL A 76 -0.54 5.28 -3.15
CA VAL A 76 -1.45 6.38 -3.42
C VAL A 76 -0.94 7.69 -2.83
N GLU A 77 -0.72 8.68 -3.69
CA GLU A 77 -0.30 10.00 -3.24
C GLU A 77 -0.92 11.10 -4.09
N ASN A 78 -1.42 12.14 -3.44
CA ASN A 78 -2.06 13.24 -4.13
C ASN A 78 -1.95 14.54 -3.33
N GLU A 79 -2.51 15.62 -3.86
CA GLU A 79 -2.46 16.92 -3.21
C GLU A 79 -3.80 17.26 -2.57
N GLY A 80 -4.46 16.25 -2.00
CA GLY A 80 -5.75 16.43 -1.35
C GLY A 80 -5.57 16.65 0.15
N ALA A 81 -6.66 16.47 0.90
CA ALA A 81 -6.64 16.65 2.34
C ALA A 81 -6.15 15.39 3.04
N HIS A 82 -6.14 14.27 2.32
CA HIS A 82 -5.72 13.00 2.87
C HIS A 82 -4.21 12.82 2.78
N MET A 83 -3.65 12.07 3.72
CA MET A 83 -2.21 11.82 3.73
C MET A 83 -1.85 10.65 2.82
N THR A 84 -0.60 10.60 2.40
CA THR A 84 -0.11 9.51 1.55
C THR A 84 -0.27 8.16 2.23
N PHE A 85 -0.82 7.20 1.51
CA PHE A 85 -1.08 5.87 2.05
C PHE A 85 -0.90 4.79 0.99
N VAL A 86 -0.74 3.56 1.44
CA VAL A 86 -0.57 2.42 0.54
C VAL A 86 -1.64 1.36 0.75
N LEU A 87 -2.32 0.98 -0.32
CA LEU A 87 -3.47 0.09 -0.21
C LEU A 87 -3.41 -1.01 -1.27
N PRO A 88 -3.39 -2.26 -0.82
CA PRO A 88 -3.30 -3.39 -1.72
C PRO A 88 -4.47 -3.42 -2.69
N ASP A 89 -4.18 -3.69 -3.96
CA ASP A 89 -5.22 -3.82 -4.97
C ASP A 89 -5.98 -5.14 -4.84
N PRO A 90 -7.28 -5.09 -5.02
CA PRO A 90 -8.12 -6.29 -4.94
C PRO A 90 -7.63 -7.36 -5.91
N ALA A 91 -7.68 -8.60 -5.47
CA ALA A 91 -7.36 -9.74 -6.33
C ALA A 91 -8.35 -9.86 -7.47
N GLY A 92 -7.86 -10.29 -8.63
CA GLY A 92 -8.70 -10.39 -9.83
C GLY A 92 -8.81 -9.04 -10.54
N SER A 93 -7.74 -8.26 -10.46
CA SER A 93 -7.72 -6.93 -11.06
C SER A 93 -6.75 -6.85 -12.23
N GLY A 94 -6.25 -8.00 -12.64
CA GLY A 94 -5.25 -8.07 -13.71
C GLY A 94 -3.84 -7.89 -13.15
N GLU A 95 -3.64 -8.28 -11.91
CA GLU A 95 -2.34 -8.15 -11.25
C GLU A 95 -1.34 -9.14 -11.83
N LEU A 96 -1.85 -10.15 -12.54
CA LEU A 96 -0.99 -11.14 -13.19
C LEU A 96 -0.20 -10.51 -14.34
N GLY A 97 1.12 -10.54 -14.23
CA GLY A 97 1.98 -9.99 -15.26
C GLY A 97 2.60 -8.66 -14.81
N GLU A 98 2.19 -8.19 -13.65
CA GLU A 98 2.73 -6.95 -13.09
C GLU A 98 4.14 -7.15 -12.58
N GLU A 99 4.91 -6.07 -12.53
CA GLU A 99 6.31 -6.13 -12.12
C GLU A 99 6.44 -6.65 -10.70
N ASP A 100 7.30 -7.65 -10.52
CA ASP A 100 7.50 -8.26 -9.21
C ASP A 100 8.52 -7.47 -8.40
N LEU A 101 8.08 -6.90 -7.29
CA LEU A 101 8.94 -6.05 -6.46
C LEU A 101 10.06 -6.84 -5.83
N ASN A 102 9.88 -8.16 -5.76
CA ASN A 102 10.93 -9.05 -5.27
C ASN A 102 12.10 -9.11 -6.24
N ARG A 103 11.83 -8.88 -7.52
CA ARG A 103 12.86 -8.86 -8.54
C ARG A 103 13.55 -7.50 -8.60
N VAL A 104 12.82 -6.47 -8.23
CA VAL A 104 13.36 -5.11 -8.22
C VAL A 104 14.52 -4.98 -7.24
N ALA A 105 15.67 -4.52 -7.75
CA ALA A 105 16.87 -4.39 -6.94
C ALA A 105 16.66 -3.37 -5.83
N GLY A 106 17.20 -3.68 -4.65
CA GLY A 106 17.04 -2.79 -3.49
C GLY A 106 16.19 -3.46 -2.41
N GLY A 107 15.29 -4.33 -2.83
CA GLY A 107 14.43 -5.05 -1.90
C GLY A 107 13.12 -4.32 -1.66
N MET A 22 -1.01 -13.50 1.17
CA MET A 22 -1.66 -12.72 0.12
C MET A 22 -3.13 -13.12 -0.04
N ASN A 23 -4.02 -12.32 0.53
CA ASN A 23 -5.45 -12.59 0.44
C ASN A 23 -6.25 -11.30 0.42
N ASN A 24 -7.58 -11.43 0.46
CA ASN A 24 -8.46 -10.27 0.45
C ASN A 24 -8.34 -9.47 1.75
N TRP A 25 -8.59 -8.18 1.67
CA TRP A 25 -8.38 -7.29 2.80
C TRP A 25 -9.70 -6.77 3.36
N THR A 26 -9.78 -6.65 4.68
CA THR A 26 -10.95 -6.08 5.33
C THR A 26 -10.79 -4.57 5.49
N GLU A 27 -11.90 -3.89 5.78
CA GLU A 27 -11.89 -2.44 5.94
C GLU A 27 -11.03 -2.02 7.12
N GLU A 28 -11.12 -2.76 8.22
CA GLU A 28 -10.30 -2.49 9.40
C GLU A 28 -8.82 -2.54 9.07
N GLU A 29 -8.40 -3.62 8.40
CA GLU A 29 -6.99 -3.80 8.05
C GLU A 29 -6.48 -2.65 7.20
N VAL A 30 -7.25 -2.29 6.17
CA VAL A 30 -6.85 -1.23 5.25
C VAL A 30 -6.69 0.10 5.98
N GLN A 31 -7.65 0.43 6.83
CA GLN A 31 -7.63 1.68 7.58
C GLN A 31 -6.38 1.77 8.44
N LYS A 32 -6.03 0.68 9.09
CA LYS A 32 -4.85 0.63 9.95
C LYS A 32 -3.58 0.83 9.13
N VAL A 33 -3.50 0.16 7.99
CA VAL A 33 -2.36 0.30 7.09
C VAL A 33 -2.21 1.75 6.63
N VAL A 34 -3.30 2.32 6.13
CA VAL A 34 -3.28 3.67 5.58
C VAL A 34 -2.90 4.70 6.65
N ALA A 35 -3.49 4.55 7.83
CA ALA A 35 -3.25 5.49 8.93
C ALA A 35 -1.78 5.52 9.31
N GLU A 36 -1.18 4.34 9.45
CA GLU A 36 0.20 4.23 9.90
C GLU A 36 1.17 4.77 8.84
N ILE A 37 0.89 4.48 7.58
CA ILE A 37 1.70 4.97 6.48
C ILE A 37 1.62 6.49 6.36
N GLY A 38 0.41 7.02 6.45
CA GLY A 38 0.19 8.45 6.35
C GLY A 38 0.94 9.20 7.44
N LYS A 39 0.83 8.72 8.66
CA LYS A 39 1.50 9.34 9.80
C LYS A 39 3.01 9.37 9.61
N LYS A 40 3.57 8.23 9.21
CA LYS A 40 5.01 8.12 9.03
C LYS A 40 5.48 8.91 7.82
N ALA A 41 4.66 8.95 6.78
CA ALA A 41 4.98 9.69 5.57
C ALA A 41 5.12 11.17 5.86
N ALA A 42 4.19 11.72 6.62
CA ALA A 42 4.23 13.12 7.01
C ALA A 42 5.36 13.38 7.99
N ALA A 43 5.55 12.46 8.93
CA ALA A 43 6.58 12.62 9.96
C ALA A 43 7.98 12.62 9.34
N ASP A 44 8.21 11.74 8.38
CA ASP A 44 9.52 11.59 7.76
C ASP A 44 9.40 11.34 6.27
N PRO A 45 9.81 12.33 5.48
CA PRO A 45 9.76 12.21 4.02
C PRO A 45 10.45 10.93 3.55
N ALA A 46 11.46 10.50 4.28
CA ALA A 46 12.18 9.28 3.96
C ALA A 46 11.26 8.06 4.04
N PHE A 47 10.35 8.08 5.01
CA PHE A 47 9.38 7.00 5.17
C PHE A 47 8.31 7.07 4.10
N ARG A 48 7.96 8.28 3.69
CA ARG A 48 7.06 8.48 2.56
C ARG A 48 7.63 7.86 1.29
N LYS A 49 8.90 8.13 1.02
CA LYS A 49 9.57 7.57 -0.16
C LYS A 49 9.72 6.07 -0.04
N LEU A 50 9.99 5.60 1.17
CA LEU A 50 10.10 4.16 1.43
C LEU A 50 8.80 3.44 1.12
N CYS A 51 7.71 3.96 1.65
CA CYS A 51 6.38 3.36 1.45
C CYS A 51 5.96 3.47 -0.01
N LEU A 52 6.36 4.55 -0.65
CA LEU A 52 6.07 4.75 -2.08
C LEU A 52 6.81 3.74 -2.93
N ALA A 53 8.10 3.58 -2.68
CA ALA A 53 8.93 2.65 -3.42
C ALA A 53 8.51 1.21 -3.16
N ASN A 54 8.13 0.93 -1.92
CA ASN A 54 7.77 -0.42 -1.52
C ASN A 54 6.50 -0.42 -0.66
N PRO A 55 5.35 -0.31 -1.33
CA PRO A 55 4.08 -0.17 -0.64
C PRO A 55 3.65 -1.48 0.02
N THR A 56 4.00 -2.60 -0.61
CA THR A 56 3.66 -3.91 -0.09
C THR A 56 4.47 -4.24 1.15
N GLY A 57 5.68 -3.68 1.23
CA GLY A 57 6.50 -3.78 2.42
C GLY A 57 5.91 -2.95 3.56
N ALA A 58 5.40 -1.77 3.22
CA ALA A 58 4.71 -0.94 4.19
C ALA A 58 3.46 -1.62 4.73
N VAL A 59 2.71 -2.26 3.84
CA VAL A 59 1.54 -3.04 4.24
C VAL A 59 1.92 -4.18 5.16
N LYS A 60 3.00 -4.88 4.82
CA LYS A 60 3.52 -5.94 5.67
C LYS A 60 3.96 -5.40 7.02
N GLU A 61 4.63 -4.26 7.00
CA GLU A 61 5.10 -3.63 8.24
C GLU A 61 3.97 -3.49 9.25
N VAL A 62 2.78 -3.11 8.76
CA VAL A 62 1.62 -2.91 9.61
C VAL A 62 0.88 -4.22 9.86
N SER A 63 0.43 -4.84 8.78
CA SER A 63 -0.48 -5.97 8.88
C SER A 63 0.26 -7.28 9.10
N GLY A 64 1.49 -7.34 8.59
CA GLY A 64 2.28 -8.56 8.65
C GLY A 64 2.11 -9.39 7.38
N LYS A 65 1.29 -8.89 6.46
CA LYS A 65 0.99 -9.60 5.22
C LYS A 65 1.38 -8.78 4.00
N ASP A 66 1.74 -9.46 2.93
CA ASP A 66 2.10 -8.79 1.68
C ASP A 66 0.91 -8.63 0.77
N LEU A 67 0.99 -7.67 -0.15
CA LEU A 67 -0.07 -7.43 -1.12
C LEU A 67 -0.06 -8.49 -2.21
N PRO A 68 -1.23 -9.05 -2.50
CA PRO A 68 -1.38 -10.01 -3.60
C PRO A 68 -0.81 -9.45 -4.89
N GLN A 69 -0.06 -10.28 -5.61
CA GLN A 69 0.59 -9.85 -6.85
C GLN A 69 -0.43 -9.31 -7.84
N GLY A 70 -0.23 -8.07 -8.28
CA GLY A 70 -1.12 -7.44 -9.25
C GLY A 70 -1.93 -6.33 -8.61
N LEU A 71 -1.91 -6.28 -7.28
CA LEU A 71 -2.66 -5.29 -6.53
C LEU A 71 -1.98 -3.91 -6.61
N LYS A 72 -2.26 -3.19 -7.69
CA LYS A 72 -1.74 -1.83 -7.85
C LYS A 72 -2.33 -0.90 -6.80
N VAL A 73 -1.48 -0.03 -6.25
CA VAL A 73 -1.90 0.90 -5.21
C VAL A 73 -1.79 2.34 -5.68
N ARG A 74 -2.38 3.25 -4.90
CA ARG A 74 -2.29 4.68 -5.21
C ARG A 74 -1.98 5.48 -3.96
N PHE A 75 -1.81 6.79 -4.13
CA PHE A 75 -1.57 7.69 -3.00
C PHE A 75 -2.05 9.10 -3.30
N VAL A 76 -2.35 9.86 -2.26
CA VAL A 76 -2.74 11.25 -2.41
C VAL A 76 -1.89 12.17 -1.55
N GLU A 77 -1.36 13.22 -2.16
CA GLU A 77 -0.50 14.17 -1.46
C GLU A 77 -1.35 15.20 -0.71
N ASN A 78 -1.03 15.39 0.56
CA ASN A 78 -1.73 16.37 1.39
C ASN A 78 -0.77 17.35 2.02
N GLU A 79 -1.30 18.43 2.58
CA GLU A 79 -0.48 19.46 3.21
C GLU A 79 0.37 18.89 4.33
N GLY A 80 1.64 19.26 4.35
CA GLY A 80 2.56 18.78 5.37
C GLY A 80 3.34 17.56 4.89
N ALA A 81 3.54 17.48 3.58
CA ALA A 81 4.21 16.33 2.98
C ALA A 81 3.56 15.02 3.41
N HIS A 82 2.24 15.03 3.49
CA HIS A 82 1.49 13.85 3.94
C HIS A 82 1.03 13.02 2.75
N MET A 83 1.12 11.70 2.89
CA MET A 83 0.77 10.79 1.81
C MET A 83 -0.31 9.80 2.26
N THR A 84 -1.53 10.01 1.75
CA THR A 84 -2.63 9.09 2.02
C THR A 84 -2.53 7.85 1.16
N PHE A 85 -2.35 6.70 1.81
CA PHE A 85 -2.19 5.43 1.11
C PHE A 85 -3.53 4.90 0.62
N VAL A 86 -3.57 4.41 -0.61
CA VAL A 86 -4.75 3.76 -1.15
C VAL A 86 -4.49 2.29 -1.44
N LEU A 87 -5.38 1.42 -0.96
CA LEU A 87 -5.21 -0.02 -1.12
C LEU A 87 -6.41 -0.64 -1.82
N PRO A 88 -6.38 -0.62 -3.15
CA PRO A 88 -7.44 -1.24 -3.94
C PRO A 88 -7.50 -2.74 -3.72
N ASP A 89 -8.66 -3.32 -3.99
CA ASP A 89 -8.84 -4.77 -3.85
C ASP A 89 -7.88 -5.54 -4.74
N PRO A 90 -7.53 -6.74 -4.32
CA PRO A 90 -6.61 -7.58 -5.07
C PRO A 90 -7.10 -7.78 -6.51
N ALA A 91 -6.16 -7.74 -7.45
CA ALA A 91 -6.49 -7.91 -8.86
C ALA A 91 -7.18 -9.24 -9.11
N GLY A 92 -8.23 -9.21 -9.93
CA GLY A 92 -9.02 -10.41 -10.20
C GLY A 92 -10.35 -10.37 -9.48
N SER A 93 -10.44 -9.56 -8.43
CA SER A 93 -11.68 -9.38 -7.70
C SER A 93 -12.50 -8.25 -8.28
N GLY A 94 -12.00 -7.65 -9.36
CA GLY A 94 -12.68 -6.52 -10.00
C GLY A 94 -11.67 -5.48 -10.48
N GLU A 95 -10.43 -5.61 -10.02
CA GLU A 95 -9.35 -4.76 -10.50
C GLU A 95 -8.53 -5.45 -11.59
N LEU A 96 -8.20 -4.71 -12.63
CA LEU A 96 -7.45 -5.26 -13.76
C LEU A 96 -7.06 -4.18 -14.76
N GLY A 97 -5.76 -4.01 -14.95
CA GLY A 97 -5.26 -3.04 -15.93
C GLY A 97 -4.52 -1.89 -15.25
N GLU A 98 -4.74 -1.76 -13.94
CA GLU A 98 -4.04 -0.74 -13.16
C GLU A 98 -2.58 -1.12 -12.95
N GLU A 99 -2.31 -2.42 -12.86
CA GLU A 99 -0.96 -2.91 -12.60
C GLU A 99 -0.11 -2.86 -13.85
N ASP A 100 1.21 -2.95 -13.67
CA ASP A 100 2.13 -3.00 -14.79
C ASP A 100 2.35 -4.43 -15.27
N LEU A 101 3.26 -4.60 -16.22
CA LEU A 101 3.59 -5.93 -16.72
C LEU A 101 4.21 -6.81 -15.65
N ASN A 102 4.88 -6.17 -14.69
CA ASN A 102 5.49 -6.90 -13.58
C ASN A 102 4.44 -7.35 -12.58
N ARG A 103 4.71 -8.46 -11.90
CA ARG A 103 3.77 -9.03 -10.95
C ARG A 103 3.95 -8.43 -9.56
N VAL A 104 4.86 -7.46 -9.45
CA VAL A 104 5.11 -6.78 -8.19
C VAL A 104 3.91 -5.94 -7.78
N ALA A 105 3.28 -6.31 -6.67
CA ALA A 105 2.10 -5.61 -6.19
C ALA A 105 2.43 -4.15 -5.86
N GLY A 106 1.64 -3.23 -6.42
CA GLY A 106 1.86 -1.80 -6.21
C GLY A 106 2.62 -1.19 -7.38
N GLY A 107 3.15 -2.05 -8.25
CA GLY A 107 3.91 -1.59 -9.41
C GLY A 107 3.08 -1.67 -10.68
N MET A 22 -6.51 -12.09 5.27
CA MET A 22 -6.58 -11.08 4.22
C MET A 22 -8.01 -10.82 3.81
N ASN A 23 -8.69 -11.85 3.32
CA ASN A 23 -10.03 -11.70 2.78
C ASN A 23 -11.07 -11.73 3.88
N ASN A 24 -10.61 -11.80 5.13
CA ASN A 24 -11.49 -11.70 6.28
C ASN A 24 -11.44 -10.30 6.89
N TRP A 25 -10.74 -9.39 6.21
CA TRP A 25 -10.63 -8.02 6.68
C TRP A 25 -11.85 -7.20 6.29
N THR A 26 -12.40 -6.47 7.25
CA THR A 26 -13.51 -5.57 6.98
C THR A 26 -13.02 -4.19 6.56
N GLU A 27 -13.95 -3.36 6.08
CA GLU A 27 -13.61 -1.99 5.69
C GLU A 27 -12.89 -1.26 6.81
N GLU A 28 -13.40 -1.40 8.03
CA GLU A 28 -12.81 -0.73 9.18
C GLU A 28 -11.40 -1.23 9.46
N GLU A 29 -11.20 -2.53 9.30
CA GLU A 29 -9.90 -3.14 9.55
C GLU A 29 -8.87 -2.65 8.53
N VAL A 30 -9.31 -2.46 7.29
CA VAL A 30 -8.48 -1.85 6.26
C VAL A 30 -8.12 -0.41 6.62
N GLN A 31 -9.11 0.33 7.10
CA GLN A 31 -8.89 1.71 7.51
C GLN A 31 -7.88 1.80 8.65
N LYS A 32 -7.95 0.83 9.57
CA LYS A 32 -7.00 0.78 10.67
C LYS A 32 -5.57 0.66 10.16
N VAL A 33 -5.35 -0.24 9.22
CA VAL A 33 -4.02 -0.44 8.64
C VAL A 33 -3.55 0.80 7.90
N VAL A 34 -4.41 1.35 7.06
CA VAL A 34 -4.09 2.54 6.28
C VAL A 34 -3.75 3.72 7.20
N ALA A 35 -4.54 3.88 8.25
CA ALA A 35 -4.33 4.96 9.21
C ALA A 35 -2.93 4.90 9.81
N GLU A 36 -2.52 3.71 10.22
CA GLU A 36 -1.21 3.52 10.84
C GLU A 36 -0.10 3.76 9.84
N ILE A 37 -0.34 3.37 8.59
CA ILE A 37 0.61 3.64 7.51
C ILE A 37 0.76 5.14 7.28
N GLY A 38 -0.36 5.86 7.28
CA GLY A 38 -0.35 7.30 7.12
C GLY A 38 0.40 7.99 8.25
N LYS A 39 0.27 7.45 9.45
CA LYS A 39 1.01 7.96 10.60
C LYS A 39 2.51 7.88 10.37
N LYS A 40 2.96 6.80 9.75
CA LYS A 40 4.38 6.61 9.45
C LYS A 40 4.83 7.53 8.33
N ALA A 41 3.93 7.78 7.38
CA ALA A 41 4.20 8.71 6.29
C ALA A 41 4.39 10.13 6.81
N ALA A 42 3.57 10.53 7.76
CA ALA A 42 3.68 11.84 8.39
C ALA A 42 4.90 11.90 9.29
N ALA A 43 5.15 10.82 10.02
CA ALA A 43 6.27 10.77 10.97
C ALA A 43 7.60 10.87 10.24
N ASP A 44 7.72 10.17 9.11
CA ASP A 44 8.96 10.14 8.36
C ASP A 44 8.69 10.31 6.86
N PRO A 45 9.01 11.48 6.33
CA PRO A 45 8.82 11.77 4.92
C PRO A 45 9.49 10.71 4.04
N ALA A 46 10.59 10.17 4.53
CA ALA A 46 11.37 9.21 3.76
C ALA A 46 10.59 7.92 3.52
N PHE A 47 9.54 7.72 4.31
CA PHE A 47 8.66 6.58 4.13
C PHE A 47 8.07 6.56 2.72
N ARG A 48 7.82 7.74 2.17
CA ARG A 48 7.34 7.87 0.80
C ARG A 48 8.40 7.43 -0.20
N LYS A 49 9.66 7.69 0.12
CA LYS A 49 10.77 7.23 -0.69
C LYS A 49 10.95 5.73 -0.57
N LEU A 50 10.62 5.18 0.59
CA LEU A 50 10.64 3.73 0.79
C LEU A 50 9.63 3.04 -0.11
N CYS A 51 8.41 3.56 -0.14
CA CYS A 51 7.34 2.96 -0.94
C CYS A 51 7.56 3.22 -2.42
N LEU A 52 8.34 4.25 -2.74
CA LEU A 52 8.81 4.48 -4.09
C LEU A 52 9.72 3.34 -4.55
N ALA A 53 10.68 2.98 -3.72
CA ALA A 53 11.57 1.86 -4.00
C ALA A 53 10.80 0.55 -4.02
N ASN A 54 9.89 0.38 -3.06
CA ASN A 54 9.10 -0.83 -2.95
C ASN A 54 7.76 -0.57 -2.27
N PRO A 55 6.72 -0.39 -3.08
CA PRO A 55 5.39 -0.08 -2.56
C PRO A 55 4.96 -1.08 -1.49
N THR A 56 5.14 -2.36 -1.79
CA THR A 56 4.61 -3.42 -0.95
C THR A 56 5.49 -3.63 0.28
N GLY A 57 6.78 -3.36 0.12
CA GLY A 57 7.73 -3.47 1.23
C GLY A 57 7.44 -2.44 2.31
N ALA A 58 7.16 -1.21 1.90
CA ALA A 58 6.83 -0.14 2.83
C ALA A 58 5.59 -0.48 3.65
N VAL A 59 4.55 -0.95 2.97
CA VAL A 59 3.30 -1.29 3.64
C VAL A 59 3.48 -2.47 4.58
N LYS A 60 4.09 -3.54 4.09
CA LYS A 60 4.30 -4.74 4.89
C LYS A 60 5.14 -4.44 6.13
N GLU A 61 6.09 -3.54 5.98
CA GLU A 61 7.02 -3.23 7.06
C GLU A 61 6.30 -2.64 8.26
N VAL A 62 5.50 -1.61 8.02
CA VAL A 62 4.90 -0.83 9.10
C VAL A 62 3.58 -1.44 9.55
N SER A 63 2.95 -2.20 8.65
CA SER A 63 1.68 -2.85 8.96
C SER A 63 1.91 -4.18 9.68
N GLY A 64 2.99 -4.87 9.32
CA GLY A 64 3.29 -6.17 9.90
C GLY A 64 2.42 -7.26 9.29
N LYS A 65 1.76 -6.94 8.19
CA LYS A 65 0.84 -7.87 7.54
C LYS A 65 1.50 -8.56 6.35
N ASP A 66 1.15 -9.82 6.13
CA ASP A 66 1.66 -10.57 4.99
C ASP A 66 0.69 -10.51 3.82
N LEU A 67 0.83 -9.49 2.99
CA LEU A 67 -0.04 -9.30 1.84
C LEU A 67 0.30 -10.29 0.73
N PRO A 68 -0.73 -10.88 0.13
CA PRO A 68 -0.55 -11.81 -0.98
C PRO A 68 0.34 -11.22 -2.06
N GLN A 69 1.36 -11.97 -2.45
CA GLN A 69 2.31 -11.51 -3.47
C GLN A 69 1.62 -11.31 -4.81
N GLY A 70 1.87 -10.17 -5.44
CA GLY A 70 1.23 -9.83 -6.71
C GLY A 70 0.41 -8.55 -6.57
N LEU A 71 -0.07 -8.28 -5.36
CA LEU A 71 -0.88 -7.10 -5.11
C LEU A 71 -0.06 -5.81 -5.23
N LYS A 72 -0.65 -4.79 -5.83
CA LYS A 72 0.03 -3.52 -6.03
C LYS A 72 -0.57 -2.42 -5.17
N VAL A 73 0.28 -1.61 -4.56
CA VAL A 73 -0.17 -0.52 -3.70
C VAL A 73 -0.49 0.73 -4.51
N ARG A 74 -1.64 1.34 -4.20
CA ARG A 74 -2.07 2.56 -4.89
C ARG A 74 -1.78 3.79 -4.04
N PHE A 75 -1.35 4.87 -4.69
CA PHE A 75 -0.95 6.08 -3.98
C PHE A 75 -1.75 7.28 -4.45
N VAL A 76 -2.17 8.10 -3.49
CA VAL A 76 -2.85 9.36 -3.81
C VAL A 76 -2.25 10.51 -3.03
N GLU A 77 -1.39 11.29 -3.69
CA GLU A 77 -0.70 12.40 -3.05
C GLU A 77 -1.22 13.74 -3.56
N ASN A 78 -1.80 14.53 -2.66
CA ASN A 78 -2.31 15.85 -3.01
C ASN A 78 -1.30 16.93 -2.69
N GLU A 79 -1.35 18.03 -3.45
CA GLU A 79 -0.44 19.15 -3.25
C GLU A 79 -0.61 19.76 -1.86
N GLY A 80 0.49 19.82 -1.12
CA GLY A 80 0.47 20.40 0.22
C GLY A 80 -0.06 19.41 1.24
N ALA A 81 -0.06 18.13 0.88
CA ALA A 81 -0.55 17.08 1.77
C ALA A 81 0.32 15.83 1.68
N HIS A 82 0.19 14.96 2.68
CA HIS A 82 0.94 13.72 2.71
C HIS A 82 0.32 12.67 1.78
N MET A 83 1.15 11.78 1.27
CA MET A 83 0.68 10.75 0.34
C MET A 83 -0.29 9.80 1.02
N THR A 84 -1.39 9.49 0.34
CA THR A 84 -2.34 8.49 0.81
C THR A 84 -1.96 7.10 0.36
N PHE A 85 -1.86 6.17 1.30
CA PHE A 85 -1.45 4.81 1.01
C PHE A 85 -2.64 3.85 1.01
N VAL A 86 -3.07 3.44 -0.17
CA VAL A 86 -4.24 2.58 -0.31
C VAL A 86 -3.87 1.12 -0.17
N LEU A 87 -4.33 0.50 0.90
CA LEU A 87 -4.07 -0.92 1.14
C LEU A 87 -4.68 -1.79 0.05
N PRO A 88 -3.85 -2.59 -0.60
CA PRO A 88 -4.29 -3.47 -1.67
C PRO A 88 -5.43 -4.37 -1.19
N ASP A 89 -6.41 -4.57 -2.05
CA ASP A 89 -7.51 -5.49 -1.76
C ASP A 89 -7.04 -6.94 -1.81
N PRO A 90 -7.76 -7.82 -1.11
CA PRO A 90 -7.44 -9.24 -1.11
C PRO A 90 -7.35 -9.78 -2.54
N ALA A 91 -6.34 -10.60 -2.79
CA ALA A 91 -6.09 -11.13 -4.12
C ALA A 91 -7.31 -11.86 -4.67
N GLY A 92 -7.73 -11.48 -5.87
CA GLY A 92 -8.92 -12.07 -6.48
C GLY A 92 -10.11 -11.13 -6.40
N SER A 93 -10.07 -10.20 -5.45
CA SER A 93 -11.14 -9.23 -5.27
C SER A 93 -10.65 -7.81 -5.54
N GLY A 94 -9.42 -7.70 -6.04
CA GLY A 94 -8.83 -6.40 -6.33
C GLY A 94 -9.06 -6.00 -7.77
N GLU A 95 -8.31 -5.01 -8.23
CA GLU A 95 -8.44 -4.52 -9.60
C GLU A 95 -7.43 -5.19 -10.53
N LEU A 96 -7.83 -5.38 -11.78
CA LEU A 96 -6.96 -5.99 -12.78
C LEU A 96 -6.26 -4.93 -13.62
N GLY A 97 -6.62 -3.66 -13.39
CA GLY A 97 -6.02 -2.55 -14.13
C GLY A 97 -4.61 -2.27 -13.66
N GLU A 98 -4.33 -2.59 -12.39
CA GLU A 98 -3.01 -2.40 -11.83
C GLU A 98 -2.06 -3.53 -12.22
N GLU A 99 -0.79 -3.19 -12.42
CA GLU A 99 0.22 -4.18 -12.79
C GLU A 99 0.50 -5.13 -11.62
N ASP A 100 0.46 -6.43 -11.91
CA ASP A 100 0.82 -7.43 -10.91
C ASP A 100 2.29 -7.35 -10.55
N LEU A 101 2.58 -7.44 -9.25
CA LEU A 101 3.95 -7.33 -8.77
C LEU A 101 4.49 -8.69 -8.35
N ASN A 102 4.00 -9.74 -9.00
CA ASN A 102 4.46 -11.10 -8.72
C ASN A 102 5.74 -11.41 -9.48
N ARG A 103 6.26 -10.42 -10.20
CA ARG A 103 7.57 -10.54 -10.84
C ARG A 103 8.64 -9.79 -10.08
N VAL A 104 8.26 -9.23 -8.93
CA VAL A 104 9.19 -8.47 -8.10
C VAL A 104 9.83 -9.36 -7.04
N ALA A 105 11.15 -9.39 -7.03
CA ALA A 105 11.90 -10.29 -6.15
C ALA A 105 11.59 -10.00 -4.68
N GLY A 106 11.41 -8.73 -4.36
CA GLY A 106 11.08 -8.31 -3.00
C GLY A 106 9.62 -7.94 -2.87
N GLY A 107 8.76 -8.62 -3.63
CA GLY A 107 7.34 -8.37 -3.59
C GLY A 107 6.69 -9.07 -2.40
N MET A 22 -3.77 -14.47 5.69
CA MET A 22 -3.91 -14.06 4.30
C MET A 22 -3.35 -12.66 4.08
N ASN A 23 -3.08 -12.33 2.82
CA ASN A 23 -2.56 -11.02 2.47
C ASN A 23 -3.63 -10.17 1.79
N ASN A 24 -4.88 -10.35 2.20
CA ASN A 24 -5.98 -9.60 1.63
C ASN A 24 -6.22 -8.30 2.38
N TRP A 25 -7.01 -7.41 1.79
CA TRP A 25 -7.26 -6.10 2.37
C TRP A 25 -8.67 -5.62 2.07
N THR A 26 -9.13 -4.64 2.84
CA THR A 26 -10.47 -4.09 2.65
C THR A 26 -10.56 -2.67 3.18
N GLU A 27 -11.78 -2.15 3.27
CA GLU A 27 -11.99 -0.76 3.69
C GLU A 27 -11.45 -0.53 5.10
N GLU A 28 -11.75 -1.47 6.00
CA GLU A 28 -11.24 -1.40 7.36
C GLU A 28 -9.71 -1.29 7.38
N GLU A 29 -9.06 -2.09 6.55
CA GLU A 29 -7.60 -2.13 6.51
C GLU A 29 -7.04 -0.81 6.02
N VAL A 30 -7.73 -0.17 5.08
CA VAL A 30 -7.35 1.15 4.61
C VAL A 30 -7.48 2.19 5.71
N GLN A 31 -8.59 2.13 6.45
CA GLN A 31 -8.83 3.07 7.53
C GLN A 31 -7.85 2.85 8.69
N LYS A 32 -7.33 1.63 8.78
CA LYS A 32 -6.38 1.30 9.83
C LYS A 32 -4.95 1.28 9.28
N VAL A 33 -4.60 0.19 8.60
CA VAL A 33 -3.22 -0.06 8.21
C VAL A 33 -2.68 1.05 7.32
N VAL A 34 -3.42 1.35 6.26
CA VAL A 34 -2.98 2.34 5.28
C VAL A 34 -2.92 3.73 5.87
N ALA A 35 -3.91 4.06 6.70
CA ALA A 35 -3.93 5.33 7.41
C ALA A 35 -2.66 5.50 8.25
N GLU A 36 -2.24 4.43 8.91
CA GLU A 36 -1.04 4.46 9.74
C GLU A 36 0.21 4.60 8.89
N ILE A 37 0.20 4.00 7.71
CA ILE A 37 1.27 4.19 6.74
C ILE A 37 1.39 5.64 6.31
N GLY A 38 0.25 6.28 6.07
CA GLY A 38 0.22 7.71 5.74
C GLY A 38 0.83 8.53 6.87
N LYS A 39 0.50 8.18 8.11
CA LYS A 39 1.06 8.87 9.27
C LYS A 39 2.58 8.77 9.29
N LYS A 40 3.10 7.58 8.98
CA LYS A 40 4.54 7.35 8.95
C LYS A 40 5.20 8.15 7.83
N ALA A 41 4.54 8.21 6.68
CA ALA A 41 5.04 8.97 5.54
C ALA A 41 5.12 10.45 5.87
N ALA A 42 4.12 10.95 6.60
CA ALA A 42 4.10 12.34 7.04
C ALA A 42 5.17 12.58 8.10
N ALA A 43 5.31 11.65 9.03
CA ALA A 43 6.24 11.79 10.13
C ALA A 43 7.69 11.80 9.64
N ASP A 44 7.98 10.94 8.68
CA ASP A 44 9.34 10.78 8.18
C ASP A 44 9.36 10.70 6.66
N PRO A 45 9.92 11.74 6.04
CA PRO A 45 10.02 11.79 4.58
C PRO A 45 10.69 10.53 4.03
N ALA A 46 11.58 9.95 4.81
CA ALA A 46 12.27 8.72 4.42
C ALA A 46 11.27 7.57 4.27
N PHE A 47 10.27 7.55 5.14
CA PHE A 47 9.22 6.53 5.08
C PHE A 47 8.28 6.77 3.91
N ARG A 48 8.05 8.05 3.61
CA ARG A 48 7.29 8.42 2.42
C ARG A 48 7.95 7.88 1.15
N LYS A 49 9.25 8.11 1.03
CA LYS A 49 10.01 7.59 -0.11
C LYS A 49 10.06 6.07 -0.09
N LEU A 50 10.19 5.49 1.10
CA LEU A 50 10.19 4.05 1.25
C LEU A 50 8.89 3.44 0.73
N CYS A 51 7.77 4.03 1.12
CA CYS A 51 6.46 3.54 0.72
C CYS A 51 6.27 3.66 -0.79
N LEU A 52 6.76 4.76 -1.35
CA LEU A 52 6.69 4.97 -2.80
C LEU A 52 7.53 3.95 -3.55
N ALA A 53 8.71 3.65 -3.02
CA ALA A 53 9.60 2.67 -3.63
C ALA A 53 9.08 1.26 -3.44
N ASN A 54 8.57 0.97 -2.26
CA ASN A 54 8.09 -0.37 -1.92
C ASN A 54 6.86 -0.32 -1.05
N PRO A 55 5.69 -0.19 -1.69
CA PRO A 55 4.43 -0.09 -0.97
C PRO A 55 4.04 -1.41 -0.34
N THR A 56 4.57 -2.51 -0.88
CA THR A 56 4.28 -3.84 -0.36
C THR A 56 5.04 -4.11 0.93
N GLY A 57 6.21 -3.50 1.06
CA GLY A 57 6.98 -3.57 2.29
C GLY A 57 6.41 -2.65 3.37
N ALA A 58 5.82 -1.54 2.93
CA ALA A 58 5.13 -0.62 3.84
C ALA A 58 4.00 -1.33 4.57
N VAL A 59 3.18 -2.06 3.81
CA VAL A 59 2.09 -2.84 4.39
C VAL A 59 2.63 -3.99 5.23
N LYS A 60 3.66 -4.65 4.73
CA LYS A 60 4.31 -5.73 5.46
C LYS A 60 4.92 -5.24 6.76
N GLU A 61 5.36 -3.99 6.75
CA GLU A 61 5.96 -3.39 7.94
C GLU A 61 4.91 -3.13 9.01
N VAL A 62 3.74 -2.64 8.59
CA VAL A 62 2.69 -2.26 9.53
C VAL A 62 1.82 -3.45 9.89
N SER A 63 1.21 -4.06 8.88
CA SER A 63 0.25 -5.14 9.09
C SER A 63 0.95 -6.48 9.21
N GLY A 64 2.06 -6.63 8.48
CA GLY A 64 2.76 -7.90 8.43
C GLY A 64 2.43 -8.66 7.15
N LYS A 65 1.49 -8.13 6.38
CA LYS A 65 1.04 -8.78 5.15
C LYS A 65 2.00 -8.52 4.00
N ASP A 66 2.57 -9.58 3.45
CA ASP A 66 3.51 -9.47 2.34
C ASP A 66 2.79 -9.46 1.00
N LEU A 67 2.58 -8.28 0.44
CA LEU A 67 1.82 -8.13 -0.78
C LEU A 67 2.67 -8.46 -2.01
N PRO A 68 2.02 -9.00 -3.04
CA PRO A 68 2.71 -9.35 -4.28
C PRO A 68 3.44 -8.16 -4.86
N GLN A 69 4.63 -8.39 -5.40
CA GLN A 69 5.42 -7.33 -6.00
C GLN A 69 4.73 -6.75 -7.22
N GLY A 70 3.97 -7.58 -7.93
CA GLY A 70 3.30 -7.17 -9.15
C GLY A 70 1.95 -6.55 -8.85
N LEU A 71 1.64 -6.39 -7.56
CA LEU A 71 0.39 -5.78 -7.14
C LEU A 71 0.40 -4.27 -7.40
N LYS A 72 -0.51 -3.82 -8.26
CA LYS A 72 -0.62 -2.41 -8.60
C LYS A 72 -1.03 -1.59 -7.38
N VAL A 73 -0.27 -0.53 -7.11
CA VAL A 73 -0.58 0.36 -5.99
C VAL A 73 -0.71 1.80 -6.47
N ARG A 74 -1.83 2.44 -6.09
CA ARG A 74 -1.97 3.88 -6.27
C ARG A 74 -1.64 4.62 -4.98
N PHE A 75 -1.09 5.82 -5.12
CA PHE A 75 -0.66 6.61 -3.97
C PHE A 75 -1.45 7.90 -3.86
N VAL A 76 -1.95 8.18 -2.66
CA VAL A 76 -2.63 9.44 -2.39
C VAL A 76 -1.95 10.21 -1.26
N GLU A 77 -1.51 11.42 -1.57
CA GLU A 77 -0.80 12.25 -0.60
C GLU A 77 -1.69 13.37 -0.07
N ASN A 78 -2.00 13.32 1.22
CA ASN A 78 -2.83 14.34 1.84
C ASN A 78 -2.03 15.57 2.22
N GLU A 79 -2.14 16.61 1.40
CA GLU A 79 -1.43 17.87 1.66
C GLU A 79 -2.26 18.78 2.54
N GLY A 80 -1.58 19.61 3.35
CA GLY A 80 -0.13 19.67 3.30
C GLY A 80 0.50 18.87 4.44
N ALA A 81 -0.15 17.78 4.81
CA ALA A 81 0.37 16.88 5.84
C ALA A 81 1.34 15.87 5.24
N HIS A 82 1.27 15.68 3.94
CA HIS A 82 2.15 14.75 3.25
C HIS A 82 1.93 13.32 3.74
N MET A 83 0.67 12.95 3.93
CA MET A 83 0.32 11.57 4.28
C MET A 83 0.10 10.73 3.03
N THR A 84 1.16 10.05 2.60
CA THR A 84 1.08 9.19 1.42
C THR A 84 0.45 7.85 1.74
N PHE A 85 -0.67 7.55 1.08
CA PHE A 85 -1.44 6.36 1.39
C PHE A 85 -1.20 5.27 0.36
N VAL A 86 -0.92 4.05 0.84
CA VAL A 86 -0.76 2.90 -0.03
C VAL A 86 -2.10 2.25 -0.34
N LEU A 87 -2.55 2.40 -1.58
CA LEU A 87 -3.84 1.84 -1.99
C LEU A 87 -3.65 0.79 -3.08
N PRO A 88 -3.53 -0.46 -2.67
CA PRO A 88 -3.35 -1.56 -3.61
C PRO A 88 -4.64 -1.90 -4.34
N ASP A 89 -4.54 -2.30 -5.60
CA ASP A 89 -5.70 -2.66 -6.39
C ASP A 89 -5.73 -4.16 -6.68
N PRO A 90 -6.82 -4.81 -6.29
CA PRO A 90 -6.96 -6.26 -6.48
C PRO A 90 -6.81 -6.63 -7.95
N ALA A 91 -6.16 -7.77 -8.20
CA ALA A 91 -6.03 -8.29 -9.56
C ALA A 91 -7.39 -8.67 -10.13
N GLY A 92 -7.64 -8.27 -11.37
CA GLY A 92 -8.90 -8.59 -12.04
C GLY A 92 -9.93 -7.50 -11.81
N SER A 93 -9.55 -6.47 -11.06
CA SER A 93 -10.42 -5.33 -10.81
C SER A 93 -10.54 -4.45 -12.05
N GLY A 94 -9.63 -4.65 -13.00
CA GLY A 94 -9.58 -3.81 -14.20
C GLY A 94 -8.38 -2.89 -14.19
N GLU A 95 -7.84 -2.64 -12.99
CA GLU A 95 -6.64 -1.82 -12.85
C GLU A 95 -5.38 -2.67 -12.97
N LEU A 96 -5.43 -3.88 -12.42
CA LEU A 96 -4.28 -4.77 -12.44
C LEU A 96 -4.55 -6.00 -13.31
N GLY A 97 -3.76 -6.15 -14.37
CA GLY A 97 -3.83 -7.34 -15.22
C GLY A 97 -2.64 -8.25 -14.97
N GLU A 98 -2.25 -9.00 -16.00
CA GLU A 98 -1.09 -9.88 -15.92
C GLU A 98 0.21 -9.09 -16.02
N GLU A 99 0.09 -7.84 -16.45
CA GLU A 99 1.26 -6.98 -16.59
C GLU A 99 1.95 -6.75 -15.25
N ASP A 100 3.25 -6.97 -15.20
CA ASP A 100 4.03 -6.71 -14.00
C ASP A 100 5.31 -5.94 -14.32
N LEU A 101 5.24 -5.10 -15.34
CA LEU A 101 6.40 -4.35 -15.80
C LEU A 101 6.86 -3.35 -14.75
N ASN A 102 5.93 -2.87 -13.95
CA ASN A 102 6.24 -1.91 -12.90
C ASN A 102 6.16 -2.55 -11.52
N ARG A 103 6.45 -3.85 -11.45
CA ARG A 103 6.44 -4.57 -10.19
C ARG A 103 7.56 -4.10 -9.28
N VAL A 104 7.38 -4.29 -7.97
CA VAL A 104 8.37 -3.90 -6.99
C VAL A 104 9.63 -4.74 -7.11
N ALA A 105 10.78 -4.08 -7.25
CA ALA A 105 12.05 -4.78 -7.38
C ALA A 105 12.46 -5.44 -6.06
N GLY A 106 13.09 -6.60 -6.16
CA GLY A 106 13.55 -7.32 -4.98
C GLY A 106 15.04 -7.13 -4.75
N GLY A 107 15.64 -6.25 -5.54
CA GLY A 107 17.07 -5.96 -5.42
C GLY A 107 17.61 -5.33 -6.70
N MET A 22 -8.39 -17.20 2.38
CA MET A 22 -7.97 -16.15 1.47
C MET A 22 -7.12 -15.11 2.17
N ASN A 23 -6.34 -14.36 1.41
CA ASN A 23 -5.48 -13.32 1.96
C ASN A 23 -6.02 -11.93 1.61
N ASN A 24 -7.34 -11.83 1.49
CA ASN A 24 -7.98 -10.57 1.11
C ASN A 24 -8.03 -9.61 2.30
N TRP A 25 -7.87 -8.32 2.02
CA TRP A 25 -7.91 -7.30 3.05
C TRP A 25 -9.34 -6.91 3.39
N THR A 26 -9.64 -6.86 4.69
CA THR A 26 -10.95 -6.42 5.15
C THR A 26 -11.00 -4.90 5.28
N GLU A 27 -12.21 -4.35 5.33
CA GLU A 27 -12.39 -2.90 5.40
C GLU A 27 -11.66 -2.31 6.59
N GLU A 28 -11.76 -2.98 7.73
CA GLU A 28 -11.13 -2.51 8.96
C GLU A 28 -9.61 -2.49 8.83
N GLU A 29 -9.06 -3.56 8.27
CA GLU A 29 -7.62 -3.66 8.07
C GLU A 29 -7.10 -2.55 7.16
N VAL A 30 -7.80 -2.33 6.05
CA VAL A 30 -7.41 -1.30 5.09
C VAL A 30 -7.34 0.07 5.76
N GLN A 31 -8.36 0.41 6.55
CA GLN A 31 -8.41 1.68 7.24
C GLN A 31 -7.25 1.82 8.22
N LYS A 32 -6.90 0.73 8.89
CA LYS A 32 -5.86 0.75 9.90
C LYS A 32 -4.50 1.01 9.29
N VAL A 33 -4.19 0.28 8.22
CA VAL A 33 -2.83 0.23 7.70
C VAL A 33 -2.47 1.51 6.97
N VAL A 34 -3.47 2.14 6.36
CA VAL A 34 -3.26 3.39 5.64
C VAL A 34 -3.11 4.57 6.61
N ALA A 35 -3.75 4.44 7.77
CA ALA A 35 -3.57 5.42 8.85
C ALA A 35 -2.16 5.38 9.40
N GLU A 36 -1.63 4.17 9.57
CA GLU A 36 -0.28 3.99 10.10
C GLU A 36 0.78 4.39 9.07
N ILE A 37 0.52 4.05 7.81
CA ILE A 37 1.40 4.44 6.72
C ILE A 37 1.46 5.95 6.57
N GLY A 38 0.28 6.58 6.58
CA GLY A 38 0.19 8.02 6.49
C GLY A 38 0.93 8.69 7.65
N LYS A 39 0.71 8.19 8.85
CA LYS A 39 1.41 8.70 10.03
C LYS A 39 2.93 8.62 9.85
N LYS A 40 3.42 7.45 9.48
CA LYS A 40 4.85 7.23 9.30
C LYS A 40 5.39 8.05 8.14
N ALA A 41 4.57 8.19 7.10
CA ALA A 41 4.96 8.97 5.92
C ALA A 41 5.11 10.45 6.26
N ALA A 42 4.22 10.93 7.12
CA ALA A 42 4.27 12.33 7.56
C ALA A 42 5.49 12.58 8.44
N ALA A 43 5.74 11.67 9.37
CA ALA A 43 6.85 11.82 10.31
C ALA A 43 8.19 11.60 9.61
N ASP A 44 8.28 10.52 8.85
CA ASP A 44 9.53 10.15 8.18
C ASP A 44 9.44 10.42 6.68
N PRO A 45 10.19 11.43 6.22
CA PRO A 45 10.13 11.85 4.83
C PRO A 45 10.84 10.84 3.92
N ALA A 46 11.54 9.91 4.52
CA ALA A 46 12.15 8.81 3.79
C ALA A 46 11.17 7.63 3.63
N PHE A 47 10.32 7.46 4.63
CA PHE A 47 9.33 6.38 4.61
C PHE A 47 8.35 6.55 3.47
N ARG A 48 7.88 7.79 3.28
CA ARG A 48 6.97 8.10 2.19
C ARG A 48 7.58 7.77 0.84
N LYS A 49 8.91 7.85 0.75
CA LYS A 49 9.63 7.47 -0.45
C LYS A 49 9.73 5.95 -0.57
N LEU A 50 9.86 5.28 0.57
CA LEU A 50 9.86 3.82 0.60
C LEU A 50 8.49 3.26 0.26
N CYS A 51 7.45 4.02 0.57
CA CYS A 51 6.09 3.64 0.22
C CYS A 51 5.91 3.59 -1.29
N LEU A 52 6.40 4.62 -1.98
CA LEU A 52 6.37 4.65 -3.44
C LEU A 52 7.25 3.55 -4.02
N ALA A 53 8.47 3.43 -3.51
CA ALA A 53 9.44 2.48 -4.03
C ALA A 53 8.98 1.04 -3.79
N ASN A 54 8.47 0.78 -2.60
CA ASN A 54 8.09 -0.57 -2.20
C ASN A 54 6.81 -0.57 -1.37
N PRO A 55 5.67 -0.51 -2.04
CA PRO A 55 4.38 -0.49 -1.36
C PRO A 55 4.24 -1.69 -0.43
N THR A 56 4.74 -2.84 -0.87
CA THR A 56 4.64 -4.07 -0.09
C THR A 56 5.26 -3.92 1.28
N GLY A 57 6.46 -3.32 1.32
CA GLY A 57 7.14 -3.07 2.58
C GLY A 57 6.35 -2.12 3.47
N ALA A 58 5.79 -1.09 2.87
CA ALA A 58 5.01 -0.09 3.60
C ALA A 58 3.79 -0.72 4.25
N VAL A 59 3.15 -1.64 3.54
CA VAL A 59 1.99 -2.35 4.06
C VAL A 59 2.37 -3.30 5.17
N LYS A 60 3.39 -4.12 4.92
CA LYS A 60 3.85 -5.11 5.89
C LYS A 60 4.36 -4.44 7.15
N GLU A 61 4.98 -3.27 6.99
CA GLU A 61 5.49 -2.50 8.11
C GLU A 61 4.42 -2.31 9.18
N VAL A 62 3.19 -2.11 8.75
CA VAL A 62 2.12 -1.67 9.65
C VAL A 62 1.09 -2.78 9.87
N SER A 63 1.09 -3.77 8.98
CA SER A 63 0.14 -4.87 9.07
C SER A 63 0.81 -6.13 9.61
N GLY A 64 2.08 -6.30 9.27
CA GLY A 64 2.81 -7.51 9.64
C GLY A 64 2.49 -8.66 8.68
N LYS A 65 1.81 -8.33 7.58
CA LYS A 65 1.39 -9.33 6.62
C LYS A 65 2.01 -9.08 5.25
N ASP A 66 2.29 -10.15 4.52
CA ASP A 66 2.77 -10.04 3.15
C ASP A 66 1.66 -9.60 2.21
N LEU A 67 2.00 -8.75 1.24
CA LEU A 67 1.03 -8.25 0.28
C LEU A 67 0.73 -9.31 -0.79
N PRO A 68 -0.54 -9.67 -0.91
CA PRO A 68 -0.96 -10.67 -1.89
C PRO A 68 -0.51 -10.29 -3.29
N GLN A 69 -0.03 -11.30 -4.03
CA GLN A 69 0.37 -11.09 -5.42
C GLN A 69 -0.84 -11.01 -6.33
N GLY A 70 -0.85 -10.01 -7.21
CA GLY A 70 -2.00 -9.77 -8.08
C GLY A 70 -2.92 -8.71 -7.47
N LEU A 71 -2.36 -7.86 -6.62
CA LEU A 71 -3.14 -6.86 -5.90
C LEU A 71 -2.91 -5.46 -6.45
N LYS A 72 -4.00 -4.72 -6.63
CA LYS A 72 -3.92 -3.39 -7.24
C LYS A 72 -3.59 -2.33 -6.19
N VAL A 73 -2.57 -1.52 -6.48
CA VAL A 73 -2.06 -0.55 -5.51
C VAL A 73 -2.32 0.87 -5.98
N ARG A 74 -2.90 1.68 -5.10
CA ARG A 74 -3.19 3.08 -5.41
C ARG A 74 -2.19 4.01 -4.75
N PHE A 75 -1.58 4.88 -5.54
CA PHE A 75 -0.53 5.77 -5.05
C PHE A 75 -1.04 7.19 -4.88
N VAL A 76 -1.22 7.61 -3.64
CA VAL A 76 -1.62 8.97 -3.33
C VAL A 76 -0.72 9.61 -2.29
N GLU A 77 -0.79 10.93 -2.17
CA GLU A 77 0.00 11.65 -1.18
C GLU A 77 -0.88 12.57 -0.33
N ASN A 78 -0.96 12.25 0.96
CA ASN A 78 -1.76 13.06 1.89
C ASN A 78 -1.01 14.32 2.31
N GLU A 79 -1.05 15.33 1.45
CA GLU A 79 -0.36 16.58 1.71
C GLU A 79 1.12 16.36 1.98
N GLY A 80 1.73 15.48 1.20
CA GLY A 80 3.16 15.19 1.33
C GLY A 80 3.39 13.81 1.93
N ALA A 81 2.41 13.34 2.71
CA ALA A 81 2.52 12.02 3.33
C ALA A 81 2.00 10.93 2.39
N HIS A 82 2.91 10.36 1.60
CA HIS A 82 2.56 9.30 0.66
C HIS A 82 1.84 8.15 1.34
N MET A 83 0.66 7.81 0.85
CA MET A 83 -0.16 6.78 1.47
C MET A 83 -0.50 5.67 0.49
N THR A 84 -0.28 4.43 0.91
CA THR A 84 -0.49 3.28 0.05
C THR A 84 -1.83 2.61 0.33
N PHE A 85 -2.70 2.56 -0.66
CA PHE A 85 -3.95 1.82 -0.56
C PHE A 85 -3.89 0.50 -1.32
N VAL A 86 -4.52 -0.53 -0.77
CA VAL A 86 -4.50 -1.85 -1.36
C VAL A 86 -5.89 -2.30 -1.78
N LEU A 87 -5.97 -2.92 -2.96
CA LEU A 87 -7.24 -3.46 -3.44
C LEU A 87 -7.13 -4.96 -3.72
N PRO A 88 -7.60 -5.77 -2.78
CA PRO A 88 -7.52 -7.22 -2.91
C PRO A 88 -8.46 -7.74 -3.97
N ASP A 89 -9.46 -6.94 -4.32
CA ASP A 89 -10.36 -7.26 -5.42
C ASP A 89 -10.99 -8.63 -5.23
N PRO A 90 -11.75 -8.79 -4.15
CA PRO A 90 -12.43 -10.04 -3.88
C PRO A 90 -13.61 -10.25 -4.82
N ALA A 91 -14.04 -11.50 -4.96
CA ALA A 91 -15.16 -11.83 -5.84
C ALA A 91 -16.42 -11.08 -5.44
N GLY A 92 -17.04 -10.41 -6.42
CA GLY A 92 -18.24 -9.64 -6.18
C GLY A 92 -17.95 -8.16 -6.14
N SER A 93 -16.67 -7.81 -6.05
CA SER A 93 -16.26 -6.41 -6.02
C SER A 93 -16.25 -5.80 -7.41
N GLY A 94 -16.21 -6.66 -8.43
CA GLY A 94 -16.30 -6.22 -9.81
C GLY A 94 -14.92 -5.79 -10.33
N GLU A 95 -14.39 -4.73 -9.75
CA GLU A 95 -13.07 -4.22 -10.15
C GLU A 95 -12.00 -5.27 -9.93
N LEU A 96 -11.20 -5.52 -10.97
CA LEU A 96 -10.11 -6.49 -10.88
C LEU A 96 -8.76 -5.79 -10.93
N GLY A 97 -7.71 -6.52 -10.56
CA GLY A 97 -6.35 -5.97 -10.56
C GLY A 97 -5.93 -5.56 -11.96
N GLU A 98 -5.31 -4.38 -12.05
CA GLU A 98 -4.89 -3.85 -13.34
C GLU A 98 -3.40 -3.53 -13.35
N GLU A 99 -2.63 -4.29 -12.58
CA GLU A 99 -1.20 -4.06 -12.44
C GLU A 99 -0.41 -4.91 -13.43
N ASP A 100 0.31 -4.24 -14.33
CA ASP A 100 1.12 -4.94 -15.32
C ASP A 100 2.53 -5.20 -14.78
N LEU A 101 3.41 -5.65 -15.67
CA LEU A 101 4.74 -6.11 -15.26
C LEU A 101 5.58 -4.94 -14.74
N ASN A 102 5.22 -3.73 -15.13
CA ASN A 102 5.96 -2.54 -14.73
C ASN A 102 5.31 -1.87 -13.52
N ARG A 103 4.27 -2.51 -12.99
CA ARG A 103 3.58 -1.99 -11.81
C ARG A 103 3.80 -2.88 -10.60
N VAL A 104 3.30 -2.44 -9.45
CA VAL A 104 3.41 -3.22 -8.22
C VAL A 104 2.17 -4.08 -8.00
N ALA A 105 2.29 -5.37 -8.32
CA ALA A 105 1.20 -6.31 -8.07
C ALA A 105 1.38 -7.02 -6.73
N GLY A 106 2.47 -6.70 -6.04
CA GLY A 106 2.77 -7.34 -4.76
C GLY A 106 3.68 -8.55 -4.97
N GLY A 107 4.19 -8.72 -6.18
CA GLY A 107 5.08 -9.82 -6.50
C GLY A 107 5.37 -9.88 -7.99
N MET A 22 -3.11 -16.77 0.04
CA MET A 22 -3.53 -15.44 -0.39
C MET A 22 -4.30 -14.73 0.71
N ASN A 23 -3.88 -13.50 1.02
CA ASN A 23 -4.52 -12.71 2.07
C ASN A 23 -5.77 -12.03 1.55
N ASN A 24 -6.64 -11.60 2.47
CA ASN A 24 -7.89 -10.95 2.12
C ASN A 24 -8.07 -9.64 2.89
N TRP A 25 -7.79 -8.52 2.21
CA TRP A 25 -7.93 -7.22 2.83
C TRP A 25 -9.37 -6.75 2.83
N THR A 26 -9.87 -6.36 4.00
CA THR A 26 -11.18 -5.73 4.10
C THR A 26 -11.06 -4.21 4.09
N GLU A 27 -12.18 -3.53 3.88
CA GLU A 27 -12.19 -2.08 3.81
C GLU A 27 -11.69 -1.45 5.11
N GLU A 28 -12.08 -2.05 6.23
CA GLU A 28 -11.62 -1.59 7.54
C GLU A 28 -10.11 -1.73 7.67
N GLU A 29 -9.59 -2.90 7.29
CA GLU A 29 -8.17 -3.18 7.40
C GLU A 29 -7.34 -2.24 6.54
N VAL A 30 -7.82 -1.99 5.32
CA VAL A 30 -7.14 -1.09 4.40
C VAL A 30 -7.09 0.33 4.97
N GLN A 31 -8.24 0.80 5.47
CA GLN A 31 -8.33 2.13 6.06
C GLN A 31 -7.39 2.26 7.26
N LYS A 32 -7.28 1.19 8.04
CA LYS A 32 -6.32 1.14 9.14
C LYS A 32 -4.90 1.34 8.65
N VAL A 33 -4.55 0.66 7.56
CA VAL A 33 -3.24 0.82 6.95
C VAL A 33 -3.02 2.24 6.46
N VAL A 34 -4.04 2.79 5.80
CA VAL A 34 -3.96 4.16 5.28
C VAL A 34 -3.62 5.14 6.39
N ALA A 35 -4.29 5.01 7.53
CA ALA A 35 -4.06 5.90 8.66
C ALA A 35 -2.64 5.75 9.20
N GLU A 36 -2.22 4.50 9.39
CA GLU A 36 -0.93 4.22 10.00
C GLU A 36 0.23 4.56 9.06
N ILE A 37 0.16 4.04 7.84
CA ILE A 37 1.21 4.27 6.85
C ILE A 37 1.28 5.73 6.46
N GLY A 38 0.12 6.35 6.28
CA GLY A 38 0.06 7.77 5.95
C GLY A 38 0.67 8.64 7.03
N LYS A 39 0.34 8.32 8.29
CA LYS A 39 0.90 9.03 9.43
C LYS A 39 2.42 8.90 9.47
N LYS A 40 2.90 7.68 9.29
CA LYS A 40 4.34 7.42 9.31
C LYS A 40 5.05 8.10 8.15
N ALA A 41 4.39 8.12 7.00
CA ALA A 41 4.93 8.80 5.83
C ALA A 41 5.08 10.30 6.06
N ALA A 42 4.08 10.87 6.74
CA ALA A 42 4.12 12.28 7.11
C ALA A 42 5.19 12.54 8.17
N ALA A 43 5.29 11.62 9.12
CA ALA A 43 6.26 11.76 10.20
C ALA A 43 7.69 11.67 9.68
N ASP A 44 7.90 10.76 8.71
CA ASP A 44 9.23 10.55 8.15
C ASP A 44 9.18 10.49 6.63
N PRO A 45 9.65 11.54 5.98
CA PRO A 45 9.66 11.60 4.52
C PRO A 45 10.34 10.37 3.91
N ALA A 46 11.33 9.84 4.62
CA ALA A 46 12.05 8.66 4.17
C ALA A 46 11.12 7.45 4.11
N PHE A 47 10.16 7.40 5.02
CA PHE A 47 9.16 6.33 5.02
C PHE A 47 8.21 6.47 3.84
N ARG A 48 7.85 7.70 3.50
CA ARG A 48 7.09 7.97 2.28
C ARG A 48 7.85 7.50 1.05
N LYS A 49 9.15 7.76 1.02
CA LYS A 49 9.99 7.31 -0.08
C LYS A 49 10.06 5.78 -0.14
N LEU A 50 10.09 5.15 1.03
CA LEU A 50 10.00 3.70 1.12
C LEU A 50 8.71 3.20 0.50
N CYS A 51 7.59 3.83 0.87
CA CYS A 51 6.28 3.45 0.35
C CYS A 51 6.20 3.67 -1.15
N LEU A 52 6.85 4.73 -1.63
CA LEU A 52 6.93 4.98 -3.06
C LEU A 52 7.62 3.84 -3.79
N ALA A 53 8.77 3.42 -3.28
CA ALA A 53 9.51 2.31 -3.88
C ALA A 53 8.73 1.00 -3.77
N ASN A 54 8.11 0.79 -2.61
CA ASN A 54 7.34 -0.42 -2.37
C ASN A 54 6.36 -0.24 -1.23
N PRO A 55 5.10 0.02 -1.58
CA PRO A 55 4.08 0.34 -0.59
C PRO A 55 3.68 -0.89 0.20
N THR A 56 3.87 -2.07 -0.40
CA THR A 56 3.54 -3.32 0.25
C THR A 56 4.64 -3.77 1.20
N GLY A 57 5.85 -3.27 0.97
CA GLY A 57 6.96 -3.50 1.88
C GLY A 57 6.77 -2.74 3.18
N ALA A 58 6.28 -1.50 3.07
CA ALA A 58 5.94 -0.70 4.24
C ALA A 58 4.84 -1.36 5.06
N VAL A 59 3.82 -1.86 4.36
CA VAL A 59 2.73 -2.59 5.02
C VAL A 59 3.24 -3.88 5.64
N LYS A 60 4.11 -4.58 4.92
CA LYS A 60 4.74 -5.79 5.44
C LYS A 60 5.55 -5.50 6.70
N GLU A 61 6.17 -4.32 6.73
CA GLU A 61 6.96 -3.90 7.88
C GLU A 61 6.07 -3.62 9.09
N VAL A 62 4.93 -2.99 8.84
CA VAL A 62 4.03 -2.57 9.90
C VAL A 62 3.06 -3.68 10.28
N SER A 63 2.24 -4.08 9.33
CA SER A 63 1.17 -5.05 9.60
C SER A 63 1.70 -6.47 9.58
N GLY A 64 2.67 -6.72 8.71
CA GLY A 64 3.26 -8.05 8.58
C GLY A 64 2.54 -8.88 7.52
N LYS A 65 1.59 -8.25 6.84
CA LYS A 65 0.80 -8.95 5.82
C LYS A 65 1.36 -8.70 4.43
N ASP A 66 1.30 -9.73 3.59
CA ASP A 66 1.82 -9.64 2.23
C ASP A 66 0.71 -9.30 1.24
N LEU A 67 1.09 -8.76 0.09
CA LEU A 67 0.14 -8.48 -0.98
C LEU A 67 -0.46 -9.77 -1.54
N PRO A 68 -1.78 -9.86 -1.49
CA PRO A 68 -2.48 -11.00 -2.04
C PRO A 68 -2.09 -11.25 -3.49
N GLN A 69 -1.82 -12.51 -3.83
CA GLN A 69 -1.39 -12.87 -5.17
C GLN A 69 -2.49 -12.61 -6.18
N GLY A 70 -2.23 -11.69 -7.12
CA GLY A 70 -3.17 -11.38 -8.18
C GLY A 70 -3.86 -10.04 -7.93
N LEU A 71 -3.66 -9.50 -6.73
CA LEU A 71 -4.27 -8.23 -6.36
C LEU A 71 -3.34 -7.06 -6.65
N LYS A 72 -3.81 -6.13 -7.49
CA LYS A 72 -3.03 -4.95 -7.83
C LYS A 72 -2.87 -4.03 -6.63
N VAL A 73 -1.75 -3.33 -6.57
CA VAL A 73 -1.52 -2.32 -5.54
C VAL A 73 -1.10 -0.99 -6.16
N ARG A 74 -1.58 0.11 -5.58
CA ARG A 74 -1.33 1.44 -6.12
C ARG A 74 -0.83 2.38 -5.02
N PHE A 75 0.27 3.07 -5.30
CA PHE A 75 0.79 4.08 -4.39
C PHE A 75 0.15 5.43 -4.63
N VAL A 76 -0.53 5.95 -3.62
CA VAL A 76 -1.07 7.30 -3.66
C VAL A 76 -0.55 8.14 -2.51
N GLU A 77 -0.23 9.40 -2.80
CA GLU A 77 0.24 10.33 -1.77
C GLU A 77 -0.44 11.68 -1.91
N ASN A 78 -0.49 12.43 -0.81
CA ASN A 78 -1.18 13.70 -0.77
C ASN A 78 -0.32 14.79 -0.15
N GLU A 79 -0.74 16.04 -0.34
CA GLU A 79 -0.01 17.17 0.22
C GLU A 79 0.18 17.02 1.73
N GLY A 80 1.42 17.21 2.18
CA GLY A 80 1.75 17.03 3.59
C GLY A 80 2.46 15.70 3.82
N ALA A 81 2.98 15.12 2.74
CA ALA A 81 3.69 13.85 2.83
C ALA A 81 2.78 12.74 3.33
N HIS A 82 1.50 12.82 2.97
CA HIS A 82 0.54 11.79 3.34
C HIS A 82 0.53 10.67 2.31
N MET A 83 0.27 9.45 2.78
CA MET A 83 0.29 8.28 1.91
C MET A 83 -0.99 7.46 2.08
N THR A 84 -1.59 7.08 0.96
CA THR A 84 -2.76 6.22 0.97
C THR A 84 -2.47 4.88 0.30
N PHE A 85 -2.69 3.80 1.05
CA PHE A 85 -2.48 2.46 0.52
C PHE A 85 -3.71 1.98 -0.25
N VAL A 86 -3.57 1.86 -1.56
CA VAL A 86 -4.70 1.52 -2.43
C VAL A 86 -4.53 0.16 -3.06
N LEU A 87 -5.61 -0.60 -3.12
CA LEU A 87 -5.58 -1.94 -3.72
C LEU A 87 -6.64 -2.09 -4.80
N PRO A 88 -6.29 -1.67 -6.02
CA PRO A 88 -7.18 -1.83 -7.16
C PRO A 88 -7.55 -3.29 -7.37
N ASP A 89 -8.72 -3.53 -7.94
CA ASP A 89 -9.24 -4.88 -8.11
C ASP A 89 -8.30 -5.73 -8.96
N PRO A 90 -8.29 -7.04 -8.71
CA PRO A 90 -7.46 -7.96 -9.47
C PRO A 90 -7.77 -7.88 -10.96
N ALA A 91 -8.99 -7.43 -11.28
CA ALA A 91 -9.44 -7.38 -12.66
C ALA A 91 -8.87 -6.18 -13.39
N GLY A 92 -8.06 -5.39 -12.68
CA GLY A 92 -7.37 -4.27 -13.28
C GLY A 92 -6.09 -4.73 -14.00
N SER A 93 -5.19 -3.78 -14.26
CA SER A 93 -3.97 -4.09 -14.98
C SER A 93 -3.06 -5.01 -14.18
N GLY A 94 -2.29 -5.82 -14.88
CA GLY A 94 -1.45 -6.83 -14.23
C GLY A 94 -2.13 -8.19 -14.23
N GLU A 95 -3.42 -8.21 -14.54
CA GLU A 95 -4.18 -9.45 -14.62
C GLU A 95 -3.60 -10.38 -15.67
N LEU A 96 -3.37 -9.85 -16.87
CA LEU A 96 -2.86 -10.65 -17.98
C LEU A 96 -1.34 -10.67 -17.99
N GLY A 97 -0.74 -9.81 -17.17
CA GLY A 97 0.72 -9.77 -17.04
C GLY A 97 1.18 -10.60 -15.85
N GLU A 98 2.38 -10.30 -15.37
CA GLU A 98 2.93 -10.98 -14.20
C GLU A 98 3.33 -9.97 -13.12
N GLU A 99 3.02 -10.31 -11.87
CA GLU A 99 3.37 -9.45 -10.74
C GLU A 99 4.79 -9.69 -10.28
N ASP A 100 5.33 -10.86 -10.61
CA ASP A 100 6.70 -11.20 -10.25
C ASP A 100 7.71 -10.32 -10.98
N LEU A 101 7.28 -9.75 -12.11
CA LEU A 101 8.16 -8.93 -12.93
C LEU A 101 8.18 -7.49 -12.44
N ASN A 102 7.35 -7.19 -11.45
CA ASN A 102 7.28 -5.86 -10.87
C ASN A 102 8.20 -5.73 -9.66
N ARG A 103 8.63 -4.51 -9.37
CA ARG A 103 9.49 -4.25 -8.22
C ARG A 103 8.71 -4.36 -6.92
N VAL A 104 7.41 -4.06 -6.98
CA VAL A 104 6.56 -4.13 -5.80
C VAL A 104 5.95 -5.51 -5.62
N ALA A 105 6.33 -6.17 -4.53
CA ALA A 105 5.82 -7.51 -4.23
C ALA A 105 6.04 -8.45 -5.40
N GLY A 106 7.24 -8.42 -5.97
CA GLY A 106 7.60 -9.32 -7.06
C GLY A 106 8.70 -10.28 -6.64
N GLY A 107 9.43 -10.79 -7.63
CA GLY A 107 10.54 -11.70 -7.37
C GLY A 107 10.62 -12.79 -8.43
N MET A 22 -10.03 -12.25 -1.99
CA MET A 22 -8.97 -11.39 -1.46
C MET A 22 -9.13 -11.19 0.04
N ASN A 23 -8.76 -12.20 0.80
CA ASN A 23 -8.95 -12.17 2.25
C ASN A 23 -7.91 -11.27 2.92
N ASN A 24 -6.91 -10.86 2.16
CA ASN A 24 -5.88 -9.97 2.66
C ASN A 24 -6.28 -8.51 2.48
N TRP A 25 -7.43 -8.30 1.85
CA TRP A 25 -7.91 -6.95 1.57
C TRP A 25 -9.19 -6.65 2.33
N THR A 26 -9.05 -6.17 3.56
CA THR A 26 -10.20 -5.80 4.38
C THR A 26 -10.12 -4.35 4.82
N GLU A 27 -11.29 -3.72 5.00
CA GLU A 27 -11.35 -2.32 5.38
C GLU A 27 -10.60 -2.07 6.68
N GLU A 28 -10.81 -2.95 7.65
CA GLU A 28 -10.16 -2.80 8.96
C GLU A 28 -8.65 -2.69 8.82
N GLU A 29 -8.06 -3.63 8.09
CA GLU A 29 -6.61 -3.70 7.96
C GLU A 29 -6.07 -2.54 7.13
N VAL A 30 -6.85 -2.12 6.13
CA VAL A 30 -6.52 -0.94 5.34
C VAL A 30 -6.41 0.29 6.22
N GLN A 31 -7.38 0.46 7.11
CA GLN A 31 -7.39 1.61 8.02
C GLN A 31 -6.17 1.59 8.93
N LYS A 32 -5.80 0.41 9.40
CA LYS A 32 -4.63 0.25 10.24
C LYS A 32 -3.37 0.75 9.55
N VAL A 33 -3.18 0.33 8.30
CA VAL A 33 -2.00 0.68 7.54
C VAL A 33 -1.93 2.17 7.26
N VAL A 34 -3.03 2.73 6.77
CA VAL A 34 -3.09 4.15 6.45
C VAL A 34 -2.78 5.01 7.66
N ALA A 35 -3.34 4.64 8.80
CA ALA A 35 -3.14 5.40 10.03
C ALA A 35 -1.67 5.42 10.43
N GLU A 36 -1.07 4.24 10.49
CA GLU A 36 0.29 4.09 11.01
C GLU A 36 1.32 4.57 9.99
N ILE A 37 1.14 4.16 8.74
CA ILE A 37 2.07 4.52 7.68
C ILE A 37 1.94 5.99 7.30
N GLY A 38 0.71 6.46 7.23
CA GLY A 38 0.44 7.87 6.97
C GLY A 38 1.04 8.75 8.06
N LYS A 39 0.90 8.33 9.30
CA LYS A 39 1.51 9.02 10.43
C LYS A 39 3.01 9.21 10.20
N LYS A 40 3.70 8.11 9.90
CA LYS A 40 5.14 8.14 9.70
C LYS A 40 5.51 8.98 8.48
N ALA A 41 4.70 8.88 7.43
CA ALA A 41 4.94 9.62 6.20
C ALA A 41 4.70 11.11 6.39
N ALA A 42 3.77 11.45 7.29
CA ALA A 42 3.53 12.84 7.66
C ALA A 42 4.69 13.40 8.47
N ALA A 43 5.22 12.58 9.38
CA ALA A 43 6.37 12.97 10.19
C ALA A 43 7.63 13.08 9.34
N ASP A 44 7.78 12.14 8.40
CA ASP A 44 8.96 12.12 7.54
C ASP A 44 8.57 11.87 6.08
N PRO A 45 8.71 12.89 5.25
CA PRO A 45 8.29 12.81 3.86
C PRO A 45 9.21 11.92 3.05
N ALA A 46 10.35 11.57 3.64
CA ALA A 46 11.28 10.63 3.01
C ALA A 46 10.89 9.19 3.30
N PHE A 47 9.99 9.01 4.26
CA PHE A 47 9.51 7.68 4.61
C PHE A 47 8.68 7.07 3.49
N ARG A 48 7.85 7.89 2.86
CA ARG A 48 6.95 7.41 1.82
C ARG A 48 7.71 6.92 0.60
N LYS A 49 8.95 7.37 0.47
CA LYS A 49 9.82 6.90 -0.60
C LYS A 49 10.10 5.41 -0.48
N LEU A 50 10.17 4.93 0.76
CA LEU A 50 10.32 3.50 1.02
C LEU A 50 9.02 2.75 0.78
N CYS A 51 7.90 3.40 1.11
CA CYS A 51 6.58 2.85 0.83
C CYS A 51 6.33 2.75 -0.67
N LEU A 52 6.87 3.71 -1.42
CA LEU A 52 6.82 3.67 -2.87
C LEU A 52 7.68 2.55 -3.41
N ALA A 53 8.89 2.40 -2.86
CA ALA A 53 9.80 1.34 -3.27
C ALA A 53 9.17 -0.03 -3.07
N ASN A 54 8.47 -0.20 -1.95
CA ASN A 54 7.80 -1.46 -1.65
C ASN A 54 6.44 -1.22 -1.00
N PRO A 55 5.42 -1.03 -1.82
CA PRO A 55 4.08 -0.76 -1.32
C PRO A 55 3.61 -1.87 -0.38
N THR A 56 3.94 -3.12 -0.73
CA THR A 56 3.48 -4.27 0.05
C THR A 56 4.22 -4.36 1.37
N GLY A 57 5.44 -3.83 1.42
CA GLY A 57 6.21 -3.77 2.65
C GLY A 57 5.58 -2.82 3.65
N ALA A 58 5.09 -1.68 3.16
CA ALA A 58 4.40 -0.71 3.99
C ALA A 58 3.15 -1.32 4.62
N VAL A 59 2.45 -2.13 3.83
CA VAL A 59 1.25 -2.79 4.32
C VAL A 59 1.59 -3.92 5.30
N LYS A 60 2.56 -4.74 4.92
CA LYS A 60 3.00 -5.84 5.78
C LYS A 60 3.60 -5.33 7.08
N GLU A 61 4.19 -4.13 7.02
CA GLU A 61 4.76 -3.51 8.20
C GLU A 61 3.73 -3.42 9.33
N VAL A 62 2.49 -3.15 8.96
CA VAL A 62 1.45 -2.85 9.94
C VAL A 62 0.43 -3.99 10.03
N SER A 63 -0.18 -4.31 8.89
CA SER A 63 -1.25 -5.30 8.86
C SER A 63 -0.69 -6.70 8.68
N GLY A 64 0.42 -6.80 7.96
CA GLY A 64 1.00 -8.09 7.62
C GLY A 64 0.38 -8.66 6.35
N LYS A 65 -0.40 -7.84 5.66
CA LYS A 65 -1.11 -8.28 4.46
C LYS A 65 -0.38 -7.84 3.20
N ASP A 66 -0.70 -8.49 2.08
CA ASP A 66 -0.14 -8.11 0.80
C ASP A 66 -1.09 -7.21 0.02
N LEU A 67 -0.73 -6.88 -1.21
CA LEU A 67 -1.61 -6.14 -2.11
C LEU A 67 -2.04 -7.00 -3.29
N PRO A 68 -3.27 -7.51 -3.22
CA PRO A 68 -3.83 -8.30 -4.31
C PRO A 68 -3.78 -7.55 -5.62
N GLN A 69 -3.53 -8.28 -6.71
CA GLN A 69 -3.44 -7.68 -8.04
C GLN A 69 -4.69 -6.86 -8.35
N GLY A 70 -4.49 -5.60 -8.71
CA GLY A 70 -5.60 -4.68 -8.92
C GLY A 70 -5.63 -3.60 -7.84
N LEU A 71 -4.87 -3.81 -6.77
CA LEU A 71 -4.79 -2.86 -5.67
C LEU A 71 -3.42 -2.22 -5.61
N LYS A 72 -3.37 -0.92 -5.88
CA LYS A 72 -2.14 -0.15 -5.73
C LYS A 72 -2.32 0.98 -4.72
N VAL A 73 -1.23 1.67 -4.41
CA VAL A 73 -1.26 2.72 -3.40
C VAL A 73 -0.93 4.09 -4.01
N ARG A 74 -1.27 5.15 -3.29
CA ARG A 74 -0.97 6.50 -3.72
C ARG A 74 -0.43 7.35 -2.58
N PHE A 75 0.05 8.55 -2.91
CA PHE A 75 0.61 9.45 -1.90
C PHE A 75 0.11 10.87 -2.11
N VAL A 76 -0.21 11.55 -1.01
CA VAL A 76 -0.66 12.93 -1.07
C VAL A 76 0.25 13.84 -0.25
N GLU A 77 0.70 14.94 -0.85
CA GLU A 77 1.57 15.88 -0.18
C GLU A 77 0.78 17.05 0.39
N ASN A 78 0.79 17.19 1.71
CA ASN A 78 0.13 18.31 2.37
C ASN A 78 1.12 19.40 2.74
N GLU A 79 0.64 20.63 2.80
CA GLU A 79 1.48 21.77 3.13
C GLU A 79 2.24 21.54 4.43
N GLY A 80 3.56 21.72 4.39
CA GLY A 80 4.41 21.45 5.55
C GLY A 80 5.17 20.15 5.38
N ALA A 81 5.21 19.65 4.14
CA ALA A 81 5.89 18.39 3.85
C ALA A 81 5.31 17.25 4.68
N HIS A 82 3.99 17.10 4.64
CA HIS A 82 3.32 16.02 5.34
C HIS A 82 2.66 15.05 4.36
N MET A 83 3.30 13.90 4.17
CA MET A 83 2.84 12.94 3.17
C MET A 83 1.81 11.99 3.76
N THR A 84 0.74 11.74 3.01
CA THR A 84 -0.32 10.84 3.44
C THR A 84 -0.32 9.56 2.61
N PHE A 85 -0.27 8.42 3.30
CA PHE A 85 -0.35 7.13 2.63
C PHE A 85 -1.79 6.79 2.25
N VAL A 86 -2.01 6.50 0.96
CA VAL A 86 -3.34 6.20 0.47
C VAL A 86 -3.46 4.73 0.08
N LEU A 87 -4.33 4.01 0.79
CA LEU A 87 -4.62 2.63 0.45
C LEU A 87 -6.12 2.42 0.27
N PRO A 88 -6.54 2.18 -0.97
CA PRO A 88 -7.95 2.01 -1.28
C PRO A 88 -8.57 0.88 -0.45
N ASP A 89 -9.80 1.08 0.00
CA ASP A 89 -10.53 0.06 0.73
C ASP A 89 -11.21 -0.92 -0.23
N PRO A 90 -11.67 -2.04 0.31
CA PRO A 90 -12.29 -3.08 -0.51
C PRO A 90 -13.43 -2.52 -1.35
N ALA A 91 -13.43 -2.87 -2.63
CA ALA A 91 -14.44 -2.37 -3.55
C ALA A 91 -15.81 -2.92 -3.23
N GLY A 92 -16.84 -2.12 -3.47
CA GLY A 92 -18.21 -2.54 -3.19
C GLY A 92 -18.86 -3.16 -4.43
N SER A 93 -20.18 -3.33 -4.37
CA SER A 93 -20.91 -3.96 -5.47
C SER A 93 -20.94 -3.07 -6.70
N GLY A 94 -20.45 -3.60 -7.81
CA GLY A 94 -20.43 -2.85 -9.07
C GLY A 94 -19.14 -2.05 -9.22
N GLU A 95 -18.29 -2.12 -8.20
CA GLU A 95 -17.04 -1.37 -8.20
C GLU A 95 -15.85 -2.26 -8.52
N LEU A 96 -15.05 -1.85 -9.49
CA LEU A 96 -13.90 -2.64 -9.93
C LEU A 96 -12.59 -1.98 -9.56
N GLY A 97 -11.53 -2.76 -9.49
CA GLY A 97 -10.19 -2.23 -9.22
C GLY A 97 -9.46 -1.90 -10.51
N GLU A 98 -8.14 -1.85 -10.45
CA GLU A 98 -7.32 -1.55 -11.61
C GLU A 98 -7.51 -2.60 -12.71
N GLU A 99 -7.88 -2.14 -13.90
CA GLU A 99 -8.18 -3.04 -15.01
C GLU A 99 -6.93 -3.32 -15.84
N ASP A 100 -5.87 -2.57 -15.59
CA ASP A 100 -4.61 -2.75 -16.29
C ASP A 100 -3.96 -4.08 -15.91
N LEU A 101 -3.17 -4.63 -16.82
CA LEU A 101 -2.48 -5.89 -16.59
C LEU A 101 -1.15 -5.67 -15.88
N ASN A 102 -0.79 -4.41 -15.69
CA ASN A 102 0.44 -4.06 -14.99
C ASN A 102 0.44 -4.63 -13.57
N ARG A 103 1.49 -5.37 -13.24
CA ARG A 103 1.59 -6.02 -11.93
C ARG A 103 1.79 -5.00 -10.82
N VAL A 104 1.12 -5.22 -9.69
CA VAL A 104 1.25 -4.33 -8.54
C VAL A 104 2.67 -4.35 -7.99
N ALA A 105 3.27 -3.18 -7.85
CA ALA A 105 4.62 -3.06 -7.34
C ALA A 105 4.73 -3.63 -5.93
N GLY A 106 5.79 -4.38 -5.67
CA GLY A 106 6.00 -5.00 -4.38
C GLY A 106 5.86 -6.52 -4.46
N GLY A 107 5.09 -6.98 -5.43
CA GLY A 107 4.90 -8.40 -5.65
C GLY A 107 3.43 -8.74 -5.90
N MET A 22 -2.82 -17.40 7.07
CA MET A 22 -2.98 -15.96 6.87
C MET A 22 -4.38 -15.50 7.29
N ASN A 23 -4.50 -14.24 7.70
CA ASN A 23 -5.77 -13.68 8.09
C ASN A 23 -6.44 -12.95 6.93
N ASN A 24 -7.76 -12.86 6.98
CA ASN A 24 -8.53 -12.20 5.93
C ASN A 24 -8.44 -10.69 6.04
N TRP A 25 -8.40 -10.01 4.90
CA TRP A 25 -8.34 -8.55 4.88
C TRP A 25 -9.73 -7.94 4.93
N THR A 26 -9.92 -6.99 5.85
CA THR A 26 -11.21 -6.35 6.04
C THR A 26 -11.12 -4.84 5.85
N GLU A 27 -12.26 -4.16 5.98
CA GLU A 27 -12.30 -2.72 5.86
C GLU A 27 -11.50 -2.05 6.98
N GLU A 28 -11.61 -2.60 8.18
CA GLU A 28 -10.85 -2.09 9.33
C GLU A 28 -9.36 -2.33 9.16
N GLU A 29 -9.01 -3.47 8.56
CA GLU A 29 -7.62 -3.77 8.25
C GLU A 29 -7.02 -2.74 7.31
N VAL A 30 -7.76 -2.42 6.24
CA VAL A 30 -7.31 -1.42 5.29
C VAL A 30 -7.20 -0.05 5.94
N GLN A 31 -8.19 0.30 6.76
CA GLN A 31 -8.20 1.58 7.45
C GLN A 31 -6.97 1.74 8.34
N LYS A 32 -6.59 0.65 9.01
CA LYS A 32 -5.37 0.64 9.80
C LYS A 32 -4.15 0.89 8.93
N VAL A 33 -4.06 0.18 7.82
CA VAL A 33 -2.96 0.35 6.88
C VAL A 33 -2.83 1.80 6.43
N VAL A 34 -3.95 2.40 6.05
CA VAL A 34 -3.97 3.78 5.59
C VAL A 34 -3.45 4.72 6.66
N ALA A 35 -3.97 4.59 7.87
CA ALA A 35 -3.63 5.49 8.96
C ALA A 35 -2.16 5.38 9.33
N GLU A 36 -1.69 4.15 9.46
CA GLU A 36 -0.35 3.89 9.99
C GLU A 36 0.72 4.35 9.02
N ILE A 37 0.48 4.13 7.73
CA ILE A 37 1.40 4.59 6.70
C ILE A 37 1.43 6.12 6.63
N GLY A 38 0.26 6.73 6.68
CA GLY A 38 0.14 8.18 6.61
C GLY A 38 0.90 8.84 7.76
N LYS A 39 0.72 8.31 8.96
CA LYS A 39 1.37 8.86 10.14
C LYS A 39 2.89 8.78 10.02
N LYS A 40 3.38 7.62 9.59
CA LYS A 40 4.82 7.40 9.45
C LYS A 40 5.40 8.24 8.31
N ALA A 41 4.63 8.38 7.24
CA ALA A 41 5.04 9.19 6.11
C ALA A 41 5.20 10.66 6.50
N ALA A 42 4.21 11.17 7.25
CA ALA A 42 4.27 12.54 7.74
C ALA A 42 5.43 12.73 8.71
N ALA A 43 5.66 11.73 9.55
CA ALA A 43 6.73 11.80 10.53
C ALA A 43 8.10 11.80 9.86
N ASP A 44 8.25 10.95 8.84
CA ASP A 44 9.53 10.79 8.16
C ASP A 44 9.34 10.75 6.65
N PRO A 45 9.73 11.83 5.98
CA PRO A 45 9.63 11.91 4.53
C PRO A 45 10.31 10.72 3.86
N ALA A 46 11.37 10.23 4.49
CA ALA A 46 12.12 9.09 3.96
C ALA A 46 11.26 7.84 3.91
N PHE A 47 10.37 7.71 4.88
CA PHE A 47 9.41 6.60 4.89
C PHE A 47 8.52 6.61 3.66
N ARG A 48 8.00 7.79 3.33
CA ARG A 48 7.23 7.98 2.12
C ARG A 48 8.03 7.55 0.89
N LYS A 49 9.29 7.96 0.84
CA LYS A 49 10.17 7.58 -0.25
C LYS A 49 10.34 6.08 -0.35
N LEU A 50 10.45 5.43 0.81
CA LEU A 50 10.53 3.98 0.87
C LEU A 50 9.21 3.33 0.43
N CYS A 51 8.10 3.99 0.75
CA CYS A 51 6.79 3.52 0.34
C CYS A 51 6.63 3.58 -1.18
N LEU A 52 7.20 4.61 -1.79
CA LEU A 52 7.20 4.74 -3.24
C LEU A 52 8.03 3.65 -3.90
N ALA A 53 9.17 3.34 -3.29
CA ALA A 53 10.02 2.26 -3.78
C ALA A 53 9.35 0.91 -3.63
N ASN A 54 8.74 0.69 -2.46
CA ASN A 54 8.03 -0.56 -2.21
C ASN A 54 6.82 -0.32 -1.32
N PRO A 55 5.68 -0.02 -1.95
CA PRO A 55 4.47 0.33 -1.21
C PRO A 55 3.83 -0.91 -0.59
N THR A 56 4.16 -2.07 -1.13
CA THR A 56 3.63 -3.33 -0.61
C THR A 56 4.37 -3.75 0.65
N GLY A 57 5.63 -3.35 0.76
CA GLY A 57 6.39 -3.53 1.99
C GLY A 57 5.92 -2.59 3.08
N ALA A 58 5.55 -1.37 2.69
CA ALA A 58 4.98 -0.41 3.60
C ALA A 58 3.68 -0.93 4.22
N VAL A 59 2.81 -1.48 3.38
CA VAL A 59 1.57 -2.09 3.85
C VAL A 59 1.86 -3.32 4.69
N LYS A 60 2.79 -4.15 4.24
CA LYS A 60 3.19 -5.32 5.00
C LYS A 60 3.67 -4.94 6.39
N GLU A 61 4.44 -3.86 6.48
CA GLU A 61 4.98 -3.40 7.76
C GLU A 61 3.85 -3.08 8.73
N VAL A 62 2.92 -2.24 8.30
CA VAL A 62 1.88 -1.72 9.18
C VAL A 62 0.80 -2.76 9.42
N SER A 63 0.63 -3.67 8.47
CA SER A 63 -0.35 -4.74 8.59
C SER A 63 0.24 -5.95 9.30
N GLY A 64 1.55 -6.10 9.23
CA GLY A 64 2.24 -7.20 9.89
C GLY A 64 1.96 -8.52 9.17
N LYS A 65 1.80 -8.45 7.86
CA LYS A 65 1.41 -9.61 7.07
C LYS A 65 1.65 -9.38 5.58
N ASP A 66 1.81 -10.46 4.83
CA ASP A 66 2.05 -10.37 3.41
C ASP A 66 0.78 -10.02 2.64
N LEU A 67 0.93 -9.31 1.53
CA LEU A 67 -0.21 -8.95 0.70
C LEU A 67 -0.56 -10.06 -0.28
N PRO A 68 -1.85 -10.28 -0.49
CA PRO A 68 -2.32 -11.34 -1.39
C PRO A 68 -2.04 -10.98 -2.84
N GLN A 69 -1.85 -12.00 -3.67
CA GLN A 69 -1.56 -11.79 -5.08
C GLN A 69 -2.76 -11.22 -5.82
N GLY A 70 -2.56 -10.07 -6.45
CA GLY A 70 -3.65 -9.37 -7.14
C GLY A 70 -4.03 -8.09 -6.40
N LEU A 71 -3.38 -7.85 -5.28
CA LEU A 71 -3.57 -6.60 -4.54
C LEU A 71 -2.46 -5.60 -4.87
N LYS A 72 -2.84 -4.48 -5.47
CA LYS A 72 -1.91 -3.39 -5.71
C LYS A 72 -2.05 -2.30 -4.65
N VAL A 73 -1.02 -1.48 -4.52
CA VAL A 73 -1.02 -0.39 -3.55
C VAL A 73 -0.83 0.95 -4.23
N ARG A 74 -1.69 1.91 -3.90
CA ARG A 74 -1.62 3.25 -4.49
C ARG A 74 -1.82 4.33 -3.43
N PHE A 75 -1.81 5.58 -3.87
CA PHE A 75 -2.07 6.71 -2.99
C PHE A 75 -2.96 7.74 -3.66
N VAL A 76 -3.63 8.57 -2.86
CA VAL A 76 -4.62 9.50 -3.37
C VAL A 76 -4.38 10.91 -2.84
N GLU A 77 -3.38 11.04 -1.98
CA GLU A 77 -3.07 12.32 -1.34
C GLU A 77 -1.59 12.47 -1.05
N ASN A 78 -1.06 13.66 -1.28
CA ASN A 78 0.32 13.97 -0.93
C ASN A 78 0.46 15.41 -0.45
N GLU A 79 0.23 15.62 0.84
CA GLU A 79 0.33 16.96 1.43
C GLU A 79 1.58 17.11 2.27
N GLY A 80 2.53 17.90 1.77
CA GLY A 80 3.81 18.06 2.44
C GLY A 80 4.63 16.79 2.42
N ALA A 81 4.83 16.21 3.60
CA ALA A 81 5.50 14.92 3.72
C ALA A 81 4.49 13.78 3.81
N HIS A 82 3.22 14.14 3.94
CA HIS A 82 2.17 13.16 4.26
C HIS A 82 1.52 12.63 2.99
N MET A 83 1.90 11.42 2.59
CA MET A 83 1.25 10.74 1.47
C MET A 83 0.33 9.64 1.96
N THR A 84 -0.91 9.66 1.49
CA THR A 84 -1.92 8.71 1.96
C THR A 84 -2.04 7.53 1.01
N PHE A 85 -1.47 6.39 1.40
CA PHE A 85 -1.59 5.18 0.61
C PHE A 85 -2.84 4.40 0.98
N VAL A 86 -3.52 3.87 -0.02
CA VAL A 86 -4.79 3.17 0.19
C VAL A 86 -4.80 1.82 -0.53
N LEU A 87 -5.68 0.93 -0.09
CA LEU A 87 -5.84 -0.37 -0.71
C LEU A 87 -7.18 -0.50 -1.42
N PRO A 88 -7.17 -1.04 -2.62
CA PRO A 88 -8.40 -1.28 -3.36
C PRO A 88 -9.16 -2.48 -2.80
N ASP A 89 -10.45 -2.56 -3.14
CA ASP A 89 -11.29 -3.65 -2.66
C ASP A 89 -12.42 -3.95 -3.65
N PRO A 90 -12.13 -4.81 -4.62
CA PRO A 90 -13.12 -5.19 -5.61
C PRO A 90 -14.36 -5.79 -4.95
N ALA A 91 -15.52 -5.50 -5.53
CA ALA A 91 -16.78 -5.95 -4.96
C ALA A 91 -16.92 -7.48 -5.05
N GLY A 92 -16.40 -8.16 -4.05
CA GLY A 92 -16.57 -9.61 -3.95
C GLY A 92 -15.32 -10.35 -4.43
N SER A 93 -14.19 -9.64 -4.43
CA SER A 93 -12.93 -10.24 -4.82
C SER A 93 -11.75 -9.54 -4.14
N GLY A 94 -10.75 -10.31 -3.76
CA GLY A 94 -9.49 -9.75 -3.28
C GLY A 94 -8.50 -9.54 -4.41
N GLU A 95 -8.85 -10.05 -5.59
CA GLU A 95 -7.99 -9.93 -6.77
C GLU A 95 -8.53 -8.87 -7.73
N LEU A 96 -7.65 -7.94 -8.12
CA LEU A 96 -8.02 -6.89 -9.06
C LEU A 96 -8.30 -7.46 -10.44
N GLY A 97 -7.50 -8.44 -10.85
CA GLY A 97 -7.66 -9.07 -12.15
C GLY A 97 -6.33 -9.60 -12.68
N GLU A 98 -6.35 -10.14 -13.89
CA GLU A 98 -5.15 -10.66 -14.52
C GLU A 98 -4.19 -9.53 -14.90
N GLU A 99 -4.75 -8.48 -15.48
CA GLU A 99 -3.95 -7.32 -15.88
C GLU A 99 -3.36 -6.60 -14.66
N ASP A 100 -4.09 -6.66 -13.56
CA ASP A 100 -3.63 -6.05 -12.31
C ASP A 100 -3.21 -7.11 -11.30
N LEU A 101 -2.78 -8.27 -11.81
CA LEU A 101 -2.35 -9.37 -10.96
C LEU A 101 -1.05 -9.03 -10.24
N ASN A 102 -0.15 -8.36 -10.95
CA ASN A 102 1.15 -8.00 -10.40
C ASN A 102 1.04 -6.89 -9.37
N ARG A 103 2.09 -6.70 -8.59
CA ARG A 103 2.09 -5.69 -7.53
C ARG A 103 2.76 -4.41 -8.00
N VAL A 104 2.71 -3.38 -7.15
CA VAL A 104 3.28 -2.08 -7.49
C VAL A 104 4.57 -1.83 -6.71
N ALA A 105 5.58 -1.34 -7.42
CA ALA A 105 6.83 -0.92 -6.77
C ALA A 105 7.61 0.02 -7.66
N GLY A 106 8.22 1.04 -7.05
CA GLY A 106 9.06 1.98 -7.78
C GLY A 106 10.47 1.45 -7.96
N GLY A 107 10.88 0.56 -7.06
CA GLY A 107 12.20 -0.05 -7.14
C GLY A 107 12.10 -1.58 -7.12
#